data_6SAU
#
_entry.id   6SAU
#
_cell.length_a   56.877
_cell.length_b   61.966
_cell.length_c   70.395
_cell.angle_alpha   79.330
_cell.angle_beta   82.880
_cell.angle_gamma   67.990
#
_symmetry.space_group_name_H-M   'P 1'
#
loop_
_entity.id
_entity.type
_entity.pdbx_description
1 polymer 'alpha amylase'
2 branched 4,6-dideoxy-4-{[(1S,4R,5S,6S)-4,5,6-trihydroxy-3-(hydroxymethyl)cyclohex-2-en-1-yl]amino}-alpha-D-glucopyranose-(1-4)-alpha-D-glucopyranose-(1-4)-4,6-dideoxy-4-{[(1S,4R,5S,6S)-4,5,6-trihydroxy-3-(hydroxymethyl)cyclohex-2-en-1-yl]amino}-alpha-D-glucopyranose-(1-4)-alpha-D-glucopyranose-(1-4)-beta-D-glucopyranose
3 branched alpha-D-glucopyranose-(1-4)-alpha-D-glucopyranose
4 non-polymer 'CALCIUM ION'
5 non-polymer 'SODIUM ION'
6 water water
#
_entity_poly.entity_id   1
_entity_poly.type   'polypeptide(L)'
_entity_poly.pdbx_seq_one_letter_code
;MKLTASLTLLTQALAVLGADTNSWKSRTIYFALTDRVARSASDNGGDGCGQLQDYCGGTFKGLEGKLDYIKGMGFDAIWI
TPVVQNSARGYHGYWASNLYATNSHYGTSDELKGLVNAAHGKGIYIMVDVVANHVGNGPLNEMQPAPLNQGSSYHPACGI
NYNDQHSIETCRVASDLPDLDTTDPKIRTLYKDWIKWLMSTYKFDGVRIDTVKHVEKDFWPDFAWASGSYTIGEVFSGDP
NYVAGYSKLMGGLLNYPVYFPLNRFYQQQNSSQALVDMHNQIGSLVPDPTTLGTFLDNHDNPRFLSQKNDVSLFKNALTY
VLLARGIPIVYYGSEQAYAGGGDPQNREDLWRSRFNTNSDMYKFFQALGGVRKSHGGLPGNDHVHLFVESDAYAWSRQDG
AVMALTSNIGKGQQRQFCFFTQKNNKTWRGIFDGKTYTSGGDGKLCATVNNGEPIVFVAQ
;
_entity_poly.pdbx_strand_id   A,B
#
loop_
_chem_comp.id
_chem_comp.type
_chem_comp.name
_chem_comp.formula
AC1 D-saccharide 4,6-dideoxy-4-{[(1S,4R,5S,6S)-4,5,6-trihydroxy-3-(hydroxymethyl)cyclohex-2-en-1-yl]amino}-alpha-D-glucopyranose 'C13 H23 N O8'
BGC D-saccharide, beta linking beta-D-glucopyranose 'C6 H12 O6'
CA non-polymer 'CALCIUM ION' 'Ca 2'
GLC D-saccharide, alpha linking alpha-D-glucopyranose 'C6 H12 O6'
NA non-polymer 'SODIUM ION' 'Na 1'
#
# COMPACT_ATOMS: atom_id res chain seq x y z
N ALA A 19 -18.77 -6.83 3.77
CA ALA A 19 -19.51 -7.86 2.94
C ALA A 19 -20.22 -8.85 3.84
N ASP A 20 -21.32 -9.36 3.32
N ASP A 20 -21.43 -9.25 3.48
CA ASP A 20 -22.29 -10.21 4.03
CA ASP A 20 -22.21 -10.15 4.35
C ASP A 20 -21.87 -11.69 3.98
C ASP A 20 -21.83 -11.61 4.09
N THR A 21 -22.47 -12.49 4.86
CA THR A 21 -22.17 -13.91 4.95
C THR A 21 -22.18 -14.49 3.56
N ASN A 22 -23.20 -14.26 2.76
CA ASN A 22 -23.35 -14.95 1.44
C ASN A 22 -22.12 -14.70 0.59
N SER A 23 -21.55 -13.47 0.65
N SER A 23 -21.54 -13.49 0.60
CA SER A 23 -20.35 -13.09 -0.14
CA SER A 23 -20.34 -13.23 -0.22
C SER A 23 -19.11 -13.84 0.39
C SER A 23 -19.14 -14.03 0.37
N TRP A 24 -19.02 -14.04 1.70
CA TRP A 24 -17.85 -14.69 2.27
C TRP A 24 -17.84 -16.20 2.00
N LYS A 25 -19.00 -16.82 1.81
CA LYS A 25 -19.06 -18.27 1.57
C LYS A 25 -18.21 -18.70 0.38
N SER A 26 -17.95 -17.83 -0.61
CA SER A 26 -17.16 -18.20 -1.78
C SER A 26 -15.71 -17.67 -1.71
N ARG A 27 -15.26 -17.16 -0.55
CA ARG A 27 -13.93 -16.60 -0.42
C ARG A 27 -12.96 -17.69 0.08
N THR A 28 -11.66 -17.40 -0.08
CA THR A 28 -10.54 -18.26 0.32
C THR A 28 -9.60 -17.35 1.13
N ILE A 29 -9.39 -17.66 2.42
CA ILE A 29 -8.72 -16.75 3.35
C ILE A 29 -7.29 -17.15 3.64
N TYR A 30 -6.41 -16.17 3.49
CA TYR A 30 -5.02 -16.23 3.94
C TYR A 30 -4.95 -15.50 5.29
N PHE A 31 -4.62 -16.20 6.33
CA PHE A 31 -4.53 -15.63 7.69
C PHE A 31 -3.10 -15.27 8.03
N ALA A 32 -2.84 -14.00 8.21
CA ALA A 32 -1.47 -13.46 8.39
C ALA A 32 -1.36 -12.66 9.68
N LEU A 33 -0.21 -12.82 10.34
CA LEU A 33 0.21 -11.88 11.37
C LEU A 33 0.86 -10.70 10.65
N THR A 34 0.29 -9.50 10.84
CA THR A 34 0.85 -8.30 10.19
C THR A 34 2.33 -8.11 10.49
N ASP A 35 2.74 -8.41 11.72
CA ASP A 35 4.14 -8.19 12.07
C ASP A 35 5.08 -9.15 11.38
N ARG A 36 4.59 -10.14 10.68
CA ARG A 36 5.41 -11.24 10.19
C ARG A 36 5.36 -11.42 8.69
N VAL A 37 4.66 -10.58 7.92
CA VAL A 37 4.60 -10.75 6.44
C VAL A 37 5.73 -10.04 5.73
N ALA A 38 5.81 -8.75 5.80
CA ALA A 38 6.81 -8.00 5.05
C ALA A 38 7.07 -6.65 5.69
N ARG A 39 8.30 -6.22 5.59
CA ARG A 39 8.78 -5.07 6.32
C ARG A 39 8.50 -3.76 5.60
N SER A 40 8.39 -3.77 4.28
CA SER A 40 8.22 -2.57 3.43
C SER A 40 7.81 -3.04 2.05
N ALA A 41 7.41 -2.05 1.24
CA ALA A 41 7.11 -2.34 -0.16
C ALA A 41 8.31 -2.91 -0.94
N SER A 42 9.54 -2.59 -0.50
CA SER A 42 10.78 -3.07 -1.15
C SER A 42 11.30 -4.37 -0.53
N ASP A 43 10.56 -4.97 0.41
CA ASP A 43 11.05 -6.21 1.04
C ASP A 43 10.85 -7.39 0.09
N ASN A 44 11.91 -7.90 -0.45
CA ASN A 44 11.91 -9.11 -1.29
C ASN A 44 12.63 -10.27 -0.61
N GLY A 45 12.85 -10.13 0.67
CA GLY A 45 13.45 -11.15 1.51
C GLY A 45 14.63 -10.67 2.37
N GLY A 46 14.99 -11.48 3.36
CA GLY A 46 16.14 -11.13 4.20
C GLY A 46 16.36 -12.20 5.20
N ASP A 47 17.34 -11.98 6.03
CA ASP A 47 17.64 -12.84 7.14
C ASP A 47 16.43 -12.70 8.08
N GLY A 48 16.06 -13.77 8.59
CA GLY A 48 14.86 -13.81 9.42
C GLY A 48 15.04 -13.00 10.71
N CYS A 49 13.91 -12.95 11.39
CA CYS A 49 13.71 -12.34 12.70
C CYS A 49 14.15 -13.33 13.78
N GLY A 50 15.09 -12.94 14.62
CA GLY A 50 15.62 -13.86 15.63
C GLY A 50 14.79 -14.08 16.87
N GLN A 51 14.10 -13.07 17.36
CA GLN A 51 13.35 -13.08 18.62
C GLN A 51 11.86 -13.03 18.28
N LEU A 52 11.25 -14.17 18.12
CA LEU A 52 9.85 -14.26 17.66
C LEU A 52 8.84 -13.83 18.67
N GLN A 53 9.23 -13.56 19.91
CA GLN A 53 8.36 -13.02 20.94
C GLN A 53 8.29 -11.49 20.95
N ASP A 54 8.99 -10.81 20.05
CA ASP A 54 9.04 -9.35 19.99
C ASP A 54 8.71 -8.88 18.58
N TYR A 55 8.46 -7.61 18.37
CA TYR A 55 8.18 -7.06 17.04
C TYR A 55 9.32 -7.39 16.08
N CYS A 56 8.96 -7.99 14.98
CA CYS A 56 9.88 -8.35 13.88
C CYS A 56 9.91 -7.29 12.80
N GLY A 57 8.91 -6.42 12.73
CA GLY A 57 8.93 -5.25 11.86
C GLY A 57 8.02 -5.35 10.63
N GLY A 58 7.10 -6.29 10.57
CA GLY A 58 6.11 -6.28 9.49
C GLY A 58 5.24 -5.06 9.58
N THR A 59 4.82 -4.53 8.43
CA THR A 59 4.03 -3.29 8.33
C THR A 59 2.84 -3.45 7.40
N PHE A 60 1.92 -2.54 7.51
CA PHE A 60 0.83 -2.43 6.55
C PHE A 60 1.36 -2.23 5.15
N LYS A 61 2.32 -1.34 5.00
CA LYS A 61 2.92 -1.11 3.68
C LYS A 61 3.65 -2.35 3.13
N GLY A 62 4.22 -3.14 4.02
CA GLY A 62 4.83 -4.41 3.57
C GLY A 62 3.78 -5.37 3.08
N LEU A 63 2.66 -5.49 3.81
CA LEU A 63 1.58 -6.41 3.38
C LEU A 63 0.97 -5.91 2.05
N GLU A 64 0.86 -4.61 1.91
CA GLU A 64 0.36 -4.01 0.65
C GLU A 64 1.20 -4.42 -0.53
N GLY A 65 2.53 -4.49 -0.38
CA GLY A 65 3.43 -4.96 -1.43
C GLY A 65 3.42 -6.44 -1.70
N LYS A 66 2.69 -7.21 -0.90
CA LYS A 66 2.58 -8.66 -1.04
C LYS A 66 1.19 -9.11 -1.44
N LEU A 67 0.33 -8.18 -1.83
CA LEU A 67 -1.02 -8.59 -2.22
C LEU A 67 -0.95 -9.49 -3.48
N ASP A 68 -0.08 -9.18 -4.44
CA ASP A 68 0.03 -10.05 -5.62
C ASP A 68 0.54 -11.43 -5.23
N TYR A 69 1.50 -11.48 -4.34
CA TYR A 69 2.06 -12.75 -3.86
C TYR A 69 0.95 -13.60 -3.25
N ILE A 70 0.06 -12.99 -2.47
CA ILE A 70 -1.08 -13.71 -1.85
C ILE A 70 -2.08 -14.17 -2.93
N LYS A 71 -2.45 -13.24 -3.82
CA LYS A 71 -3.45 -13.53 -4.86
C LYS A 71 -2.96 -14.61 -5.78
N GLY A 72 -1.66 -14.68 -6.00
CA GLY A 72 -1.07 -15.63 -6.93
C GLY A 72 -1.24 -17.07 -6.49
N MET A 73 -1.62 -17.32 -5.25
CA MET A 73 -2.01 -18.67 -4.78
C MET A 73 -3.48 -18.86 -4.76
N GLY A 74 -4.25 -17.87 -5.14
CA GLY A 74 -5.69 -18.14 -5.18
C GLY A 74 -6.46 -17.60 -3.99
N PHE A 75 -5.79 -16.96 -3.09
CA PHE A 75 -6.52 -16.32 -1.96
C PHE A 75 -7.14 -15.03 -2.50
N ASP A 76 -8.31 -14.70 -1.95
CA ASP A 76 -9.04 -13.47 -2.30
C ASP A 76 -9.55 -12.80 -1.00
N ALA A 77 -8.98 -13.17 0.15
CA ALA A 77 -9.30 -12.54 1.40
C ALA A 77 -8.13 -12.73 2.32
N ILE A 78 -7.86 -11.74 3.15
CA ILE A 78 -6.78 -11.78 4.15
C ILE A 78 -7.37 -11.42 5.52
N TRP A 79 -7.16 -12.30 6.49
CA TRP A 79 -7.45 -12.02 7.90
C TRP A 79 -6.15 -11.55 8.52
N ILE A 80 -6.17 -10.31 8.99
CA ILE A 80 -5.05 -9.67 9.67
C ILE A 80 -5.35 -9.63 11.19
N THR A 81 -4.27 -9.71 11.94
CA THR A 81 -4.33 -9.64 13.39
C THR A 81 -4.79 -8.24 13.81
N PRO A 82 -5.14 -8.07 15.12
CA PRO A 82 -5.74 -6.79 15.53
C PRO A 82 -4.91 -5.55 15.22
N VAL A 83 -5.60 -4.46 14.92
CA VAL A 83 -4.91 -3.25 14.41
C VAL A 83 -4.72 -2.14 15.42
N VAL A 84 -5.31 -2.27 16.59
CA VAL A 84 -5.31 -1.17 17.60
C VAL A 84 -4.00 -1.07 18.33
N GLN A 85 -3.74 0.11 18.82
CA GLN A 85 -2.50 0.31 19.62
C GLN A 85 -2.48 -0.74 20.76
N ASN A 86 -1.32 -1.34 20.97
CA ASN A 86 -1.10 -2.36 21.97
C ASN A 86 -0.14 -1.87 23.07
N SER A 87 -0.16 -2.61 24.18
CA SER A 87 0.87 -2.52 25.19
C SER A 87 2.18 -3.06 24.64
N ALA A 88 3.25 -2.78 25.36
CA ALA A 88 4.59 -3.21 25.01
C ALA A 88 4.65 -4.69 24.61
N ARG A 89 5.39 -4.92 23.52
CA ARG A 89 5.70 -6.24 22.98
C ARG A 89 4.45 -6.96 22.44
N GLY A 90 3.33 -6.26 22.22
CA GLY A 90 2.12 -6.87 21.66
C GLY A 90 2.14 -6.97 20.17
N TYR A 91 3.13 -7.71 19.66
CA TYR A 91 3.34 -7.78 18.20
C TYR A 91 2.15 -8.42 17.50
N HIS A 92 1.43 -9.29 18.19
CA HIS A 92 0.30 -10.03 17.67
C HIS A 92 -1.00 -9.24 17.75
N GLY A 93 -1.04 -8.07 18.40
CA GLY A 93 -2.22 -7.20 18.40
C GLY A 93 -3.22 -7.46 19.50
N TYR A 94 -3.06 -8.56 20.27
CA TYR A 94 -4.14 -8.99 21.19
C TYR A 94 -4.13 -8.30 22.56
N TRP A 95 -3.25 -7.32 22.74
CA TRP A 95 -3.03 -6.63 24.01
C TRP A 95 -3.41 -5.16 23.89
N ALA A 96 -4.67 -4.85 23.69
CA ALA A 96 -5.08 -3.46 23.42
C ALA A 96 -4.70 -2.46 24.52
N SER A 97 -4.30 -1.28 24.09
CA SER A 97 -4.10 -0.16 25.01
C SER A 97 -4.86 1.12 24.57
N ASN A 98 -5.17 1.30 23.30
CA ASN A 98 -5.96 2.44 22.87
C ASN A 98 -6.77 2.00 21.66
N LEU A 99 -8.08 1.83 21.87
CA LEU A 99 -8.96 1.34 20.79
C LEU A 99 -8.99 2.28 19.57
N TYR A 100 -8.84 3.57 19.79
CA TYR A 100 -9.01 4.57 18.75
C TYR A 100 -7.70 5.10 18.22
N ALA A 101 -6.65 4.31 18.36
CA ALA A 101 -5.41 4.55 17.66
C ALA A 101 -4.88 3.27 17.01
N THR A 102 -4.25 3.42 15.85
N THR A 102 -4.18 3.44 15.92
CA THR A 102 -3.61 2.28 15.19
CA THR A 102 -3.65 2.35 15.11
C THR A 102 -2.36 1.92 15.97
C THR A 102 -2.27 2.00 15.68
N ASN A 103 -1.92 0.71 15.73
CA ASN A 103 -0.60 0.26 16.21
C ASN A 103 0.51 0.86 15.32
N SER A 104 1.26 1.78 15.86
CA SER A 104 2.27 2.55 15.14
C SER A 104 3.38 1.67 14.58
N HIS A 105 3.57 0.48 15.18
CA HIS A 105 4.58 -0.43 14.64
C HIS A 105 4.20 -0.87 13.23
N TYR A 106 2.92 -1.02 12.95
CA TYR A 106 2.51 -1.41 11.58
C TYR A 106 2.36 -0.22 10.64
N GLY A 107 1.96 0.92 11.18
CA GLY A 107 1.82 2.13 10.39
C GLY A 107 0.75 3.02 10.96
N THR A 108 0.53 4.10 10.26
CA THR A 108 -0.46 5.08 10.68
C THR A 108 -1.83 4.68 10.18
N SER A 109 -2.83 5.47 10.58
CA SER A 109 -4.19 5.27 10.16
C SER A 109 -4.24 5.37 8.63
N ASP A 110 -3.59 6.36 8.04
CA ASP A 110 -3.64 6.54 6.58
C ASP A 110 -3.00 5.35 5.86
N GLU A 111 -1.99 4.73 6.47
CA GLU A 111 -1.35 3.56 5.84
C GLU A 111 -2.25 2.33 5.91
N LEU A 112 -3.04 2.20 6.97
CA LEU A 112 -4.02 1.13 7.10
C LEU A 112 -5.14 1.31 6.04
N LYS A 113 -5.60 2.55 5.86
CA LYS A 113 -6.57 2.80 4.79
C LYS A 113 -5.93 2.46 3.44
N GLY A 114 -4.69 2.86 3.20
CA GLY A 114 -4.07 2.54 1.92
C GLY A 114 -3.98 1.01 1.67
N LEU A 115 -3.71 0.23 2.70
CA LEU A 115 -3.66 -1.23 2.56
C LEU A 115 -5.03 -1.73 2.14
N VAL A 116 -6.07 -1.31 2.85
CA VAL A 116 -7.42 -1.82 2.54
C VAL A 116 -7.78 -1.37 1.14
N ASN A 117 -7.56 -0.13 0.80
CA ASN A 117 -7.93 0.34 -0.53
C ASN A 117 -7.17 -0.45 -1.62
N ALA A 118 -5.87 -0.73 -1.40
CA ALA A 118 -5.10 -1.49 -2.38
C ALA A 118 -5.69 -2.89 -2.53
N ALA A 119 -6.08 -3.52 -1.42
CA ALA A 119 -6.69 -4.83 -1.48
C ALA A 119 -7.99 -4.75 -2.29
N HIS A 120 -8.81 -3.75 -2.04
CA HIS A 120 -10.09 -3.61 -2.78
C HIS A 120 -9.78 -3.44 -4.27
N GLY A 121 -8.75 -2.70 -4.64
CA GLY A 121 -8.44 -2.58 -6.04
C GLY A 121 -8.04 -3.86 -6.74
N LYS A 122 -7.62 -4.84 -5.96
CA LYS A 122 -7.22 -6.14 -6.46
C LYS A 122 -8.34 -7.19 -6.16
N GLY A 123 -9.52 -6.79 -5.78
CA GLY A 123 -10.63 -7.74 -5.52
C GLY A 123 -10.44 -8.60 -4.28
N ILE A 124 -9.67 -8.11 -3.35
CA ILE A 124 -9.34 -8.85 -2.10
C ILE A 124 -10.15 -8.26 -0.96
N TYR A 125 -10.76 -9.09 -0.12
CA TYR A 125 -11.36 -8.69 1.15
C TYR A 125 -10.34 -8.66 2.26
N ILE A 126 -10.52 -7.70 3.18
CA ILE A 126 -9.75 -7.70 4.42
C ILE A 126 -10.66 -7.93 5.59
N MET A 127 -10.32 -8.98 6.34
CA MET A 127 -10.98 -9.34 7.60
C MET A 127 -10.12 -8.88 8.75
N VAL A 128 -10.67 -8.10 9.65
CA VAL A 128 -9.94 -7.61 10.83
C VAL A 128 -10.27 -8.44 12.06
N ASP A 129 -9.25 -8.81 12.80
CA ASP A 129 -9.36 -9.49 14.12
C ASP A 129 -9.62 -8.46 15.19
N VAL A 130 -10.58 -8.72 16.07
CA VAL A 130 -10.94 -7.81 17.14
C VAL A 130 -11.06 -8.56 18.44
N VAL A 131 -10.74 -7.84 19.52
CA VAL A 131 -10.86 -8.33 20.91
C VAL A 131 -11.81 -7.44 21.71
N ALA A 132 -12.84 -8.05 22.30
CA ALA A 132 -13.72 -7.37 23.25
C ALA A 132 -13.61 -7.94 24.67
N ASN A 133 -12.95 -9.06 24.87
CA ASN A 133 -12.92 -9.71 26.17
C ASN A 133 -11.98 -9.04 27.18
N HIS A 134 -10.87 -8.52 26.69
CA HIS A 134 -9.75 -8.11 27.55
C HIS A 134 -8.93 -7.04 26.86
N VAL A 135 -8.15 -6.38 27.70
CA VAL A 135 -7.13 -5.40 27.28
C VAL A 135 -5.73 -5.96 27.55
N GLY A 136 -4.72 -5.16 27.19
CA GLY A 136 -3.34 -5.55 27.35
C GLY A 136 -2.83 -5.44 28.77
N ASN A 137 -1.53 -5.65 28.85
CA ASN A 137 -0.82 -5.78 30.12
C ASN A 137 -0.01 -4.52 30.47
N GLY A 138 -0.36 -3.38 29.85
CA GLY A 138 0.25 -2.12 30.21
C GLY A 138 -0.44 -1.48 31.39
N PRO A 139 0.08 -0.32 31.83
CA PRO A 139 -0.49 0.31 33.02
C PRO A 139 -1.99 0.69 32.76
N LEU A 140 -2.85 0.46 33.73
CA LEU A 140 -4.27 0.91 33.68
C LEU A 140 -4.40 2.39 33.30
N ASN A 141 -3.57 3.26 33.84
CA ASN A 141 -3.70 4.71 33.59
C ASN A 141 -3.38 5.11 32.15
N GLU A 142 -2.83 4.23 31.33
CA GLU A 142 -2.57 4.55 29.90
C GLU A 142 -3.66 3.98 29.00
N MET A 143 -4.63 3.25 29.58
CA MET A 143 -5.68 2.68 28.74
C MET A 143 -6.59 3.78 28.18
N GLN A 144 -6.98 3.64 26.96
CA GLN A 144 -7.92 4.57 26.29
C GLN A 144 -8.87 3.78 25.44
N PRO A 145 -10.10 4.29 25.23
CA PRO A 145 -10.63 5.51 25.86
C PRO A 145 -11.17 5.26 27.28
N ALA A 146 -11.47 6.34 28.01
CA ALA A 146 -12.37 6.28 29.18
C ALA A 146 -13.59 5.42 28.83
N PRO A 147 -14.08 4.48 29.67
CA PRO A 147 -13.62 4.23 31.06
C PRO A 147 -12.60 3.09 31.20
N LEU A 148 -11.86 2.76 30.14
CA LEU A 148 -10.90 1.64 30.21
C LEU A 148 -9.74 1.88 31.18
N ASN A 149 -9.55 3.12 31.60
CA ASN A 149 -8.53 3.48 32.57
C ASN A 149 -9.10 3.45 33.98
N GLN A 150 -10.31 2.95 34.18
CA GLN A 150 -10.90 2.74 35.52
C GLN A 150 -10.88 1.27 35.93
N GLY A 151 -10.37 0.93 37.11
CA GLY A 151 -10.31 -0.46 37.61
C GLY A 151 -11.66 -1.12 37.63
N SER A 152 -12.69 -0.32 37.89
CA SER A 152 -14.08 -0.78 37.97
C SER A 152 -14.58 -1.34 36.63
N SER A 153 -13.91 -1.02 35.52
CA SER A 153 -14.32 -1.57 34.23
C SER A 153 -14.00 -3.07 34.06
N TYR A 154 -13.31 -3.65 35.00
CA TYR A 154 -12.80 -5.02 34.85
C TYR A 154 -13.30 -5.90 35.97
N HIS A 155 -13.35 -7.18 35.73
CA HIS A 155 -13.53 -8.21 36.82
C HIS A 155 -12.32 -8.26 37.70
N PRO A 156 -12.45 -8.59 39.00
CA PRO A 156 -11.27 -8.88 39.82
C PRO A 156 -10.51 -10.05 39.19
N ALA A 157 -9.19 -10.01 39.31
CA ALA A 157 -8.31 -11.07 38.74
C ALA A 157 -8.61 -12.44 39.35
N CYS A 158 -8.84 -13.46 38.51
CA CYS A 158 -8.94 -14.86 38.97
C CYS A 158 -8.42 -15.79 37.87
N GLY A 159 -8.01 -17.00 38.32
CA GLY A 159 -7.42 -18.02 37.46
C GLY A 159 -8.56 -18.82 36.83
N ILE A 160 -8.54 -18.95 35.50
CA ILE A 160 -9.63 -19.66 34.80
C ILE A 160 -9.62 -21.16 35.17
N ASN A 161 -10.79 -21.67 35.40
CA ASN A 161 -11.11 -23.10 35.47
C ASN A 161 -11.93 -23.44 34.22
N TYR A 162 -11.31 -24.10 33.29
CA TYR A 162 -11.96 -24.41 31.99
C TYR A 162 -13.07 -25.39 32.07
N ASN A 163 -13.38 -25.92 33.27
CA ASN A 163 -14.55 -26.82 33.40
C ASN A 163 -15.77 -26.03 33.91
N ASP A 164 -15.65 -24.73 34.12
CA ASP A 164 -16.75 -23.91 34.69
C ASP A 164 -16.98 -22.71 33.81
N GLN A 165 -18.16 -22.58 33.25
CA GLN A 165 -18.44 -21.52 32.28
C GLN A 165 -18.36 -20.14 32.97
N HIS A 166 -18.78 -19.97 34.22
CA HIS A 166 -18.67 -18.68 34.90
C HIS A 166 -17.23 -18.23 34.93
N SER A 167 -16.37 -19.17 35.29
CA SER A 167 -14.93 -18.92 35.36
C SER A 167 -14.41 -18.56 33.97
N ILE A 168 -14.79 -19.31 32.96
CA ILE A 168 -14.36 -19.02 31.58
C ILE A 168 -14.72 -17.57 31.20
N GLU A 169 -15.92 -17.12 31.64
CA GLU A 169 -16.40 -15.79 31.28
C GLU A 169 -15.83 -14.65 32.14
N THR A 170 -15.50 -14.91 33.42
CA THR A 170 -15.15 -13.82 34.33
C THR A 170 -13.70 -13.81 34.80
N CYS A 171 -13.00 -14.88 34.60
CA CYS A 171 -11.62 -14.97 34.95
C CYS A 171 -10.72 -14.55 33.75
N ARG A 172 -9.41 -14.47 33.99
CA ARG A 172 -8.49 -13.90 33.02
C ARG A 172 -7.97 -14.96 32.04
N VAL A 173 -7.96 -14.58 30.75
N VAL A 173 -7.98 -14.61 30.75
CA VAL A 173 -7.46 -15.53 29.74
CA VAL A 173 -7.44 -15.55 29.74
C VAL A 173 -5.95 -15.76 29.88
C VAL A 173 -5.96 -15.80 29.99
N ALA A 174 -5.24 -14.78 30.41
CA ALA A 174 -3.87 -14.92 30.89
C ALA A 174 -3.72 -14.00 32.10
N SER A 175 -2.85 -14.33 33.04
CA SER A 175 -2.80 -13.77 34.40
C SER A 175 -2.63 -12.26 34.36
N ASP A 176 -2.08 -11.69 33.27
CA ASP A 176 -1.79 -10.25 33.16
C ASP A 176 -2.75 -9.48 32.26
N LEU A 177 -3.82 -10.10 31.78
CA LEU A 177 -4.79 -9.48 30.80
C LEU A 177 -6.11 -9.21 31.49
N PRO A 178 -6.31 -7.96 31.95
CA PRO A 178 -7.57 -7.63 32.61
C PRO A 178 -8.80 -7.98 31.78
N ASP A 179 -9.78 -8.58 32.46
CA ASP A 179 -10.99 -9.09 31.84
C ASP A 179 -12.10 -8.05 31.97
N LEU A 180 -12.61 -7.54 30.87
CA LEU A 180 -13.64 -6.55 30.92
C LEU A 180 -14.92 -7.05 31.53
N ASP A 181 -15.57 -6.14 32.24
CA ASP A 181 -16.94 -6.35 32.77
C ASP A 181 -17.89 -6.10 31.63
N THR A 182 -18.02 -7.11 30.75
CA THR A 182 -18.81 -7.01 29.53
C THR A 182 -20.30 -7.00 29.77
N THR A 183 -20.79 -7.29 30.97
CA THR A 183 -22.21 -7.10 31.26
C THR A 183 -22.56 -5.64 31.59
N ASP A 184 -21.56 -4.81 31.81
CA ASP A 184 -21.85 -3.41 32.09
C ASP A 184 -22.33 -2.71 30.79
N PRO A 185 -23.51 -2.05 30.87
CA PRO A 185 -24.00 -1.35 29.70
C PRO A 185 -23.01 -0.34 29.09
N LYS A 186 -22.22 0.34 29.92
CA LYS A 186 -21.27 1.33 29.43
C LYS A 186 -20.21 0.62 28.60
N ILE A 187 -19.79 -0.58 29.01
CA ILE A 187 -18.76 -1.31 28.24
C ILE A 187 -19.37 -1.85 26.96
N ARG A 188 -20.61 -2.33 27.00
CA ARG A 188 -21.25 -2.79 25.79
C ARG A 188 -21.37 -1.64 24.75
N THR A 189 -21.74 -0.45 25.17
N THR A 189 -21.72 -0.46 25.24
CA THR A 189 -21.86 0.68 24.24
CA THR A 189 -21.85 0.73 24.41
C THR A 189 -20.47 1.14 23.76
C THR A 189 -20.49 1.07 23.78
N LEU A 190 -19.43 1.10 24.61
N LEU A 190 -19.45 1.07 24.62
CA LEU A 190 -18.07 1.47 24.17
CA LEU A 190 -18.11 1.45 24.18
C LEU A 190 -17.72 0.59 22.95
C LEU A 190 -17.70 0.58 22.98
N TYR A 191 -17.87 -0.72 23.12
CA TYR A 191 -17.40 -1.64 22.07
C TYR A 191 -18.29 -1.58 20.82
N LYS A 192 -19.60 -1.40 20.96
CA LYS A 192 -20.46 -1.22 19.78
C LYS A 192 -20.07 0.03 19.00
N ASP A 193 -19.91 1.15 19.71
CA ASP A 193 -19.54 2.36 19.00
C ASP A 193 -18.17 2.22 18.35
N TRP A 194 -17.27 1.55 19.02
CA TRP A 194 -15.91 1.35 18.50
C TRP A 194 -15.92 0.49 17.22
N ILE A 195 -16.63 -0.64 17.21
CA ILE A 195 -16.59 -1.50 16.01
C ILE A 195 -17.25 -0.76 14.87
N LYS A 196 -18.31 0.04 15.14
CA LYS A 196 -18.93 0.81 14.06
C LYS A 196 -17.92 1.82 13.47
N TRP A 197 -17.19 2.52 14.32
CA TRP A 197 -16.14 3.48 13.86
C TRP A 197 -15.08 2.71 13.08
N LEU A 198 -14.63 1.59 13.60
CA LEU A 198 -13.54 0.90 12.94
C LEU A 198 -13.89 0.49 11.51
N MET A 199 -15.06 -0.12 11.39
CA MET A 199 -15.52 -0.62 10.11
C MET A 199 -15.80 0.52 9.12
N SER A 200 -16.36 1.62 9.59
CA SER A 200 -16.69 2.79 8.73
C SER A 200 -15.41 3.46 8.26
N THR A 201 -14.48 3.59 9.20
CA THR A 201 -13.23 4.39 8.93
C THR A 201 -12.34 3.66 7.94
N TYR A 202 -12.15 2.36 8.17
CA TYR A 202 -11.13 1.58 7.43
C TYR A 202 -11.71 0.72 6.31
N LYS A 203 -13.03 0.50 6.32
CA LYS A 203 -13.75 -0.18 5.21
C LYS A 203 -13.45 -1.69 5.14
N PHE A 204 -13.12 -2.28 6.27
CA PHE A 204 -12.96 -3.73 6.35
C PHE A 204 -14.19 -4.46 5.85
N ASP A 205 -13.99 -5.66 5.33
CA ASP A 205 -15.03 -6.47 4.72
C ASP A 205 -15.61 -7.52 5.65
N GLY A 206 -14.93 -7.83 6.73
CA GLY A 206 -15.37 -8.85 7.65
C GLY A 206 -14.64 -8.73 8.97
N VAL A 207 -15.02 -9.50 9.95
CA VAL A 207 -14.46 -9.48 11.30
C VAL A 207 -14.24 -10.89 11.79
N ARG A 208 -13.07 -11.15 12.40
CA ARG A 208 -12.80 -12.35 13.19
C ARG A 208 -12.85 -11.91 14.64
N ILE A 209 -13.71 -12.54 15.40
CA ILE A 209 -13.93 -12.20 16.82
C ILE A 209 -13.14 -13.15 17.73
N ASP A 210 -12.16 -12.59 18.42
CA ASP A 210 -11.37 -13.35 19.35
C ASP A 210 -12.21 -13.76 20.61
N THR A 211 -11.77 -14.81 21.30
CA THR A 211 -12.13 -15.12 22.69
C THR A 211 -13.65 -15.10 22.87
N VAL A 212 -14.40 -15.70 21.96
CA VAL A 212 -15.88 -15.59 22.02
C VAL A 212 -16.44 -16.30 23.24
N LYS A 213 -15.87 -17.46 23.60
CA LYS A 213 -16.40 -18.23 24.75
C LYS A 213 -16.18 -17.55 26.09
N HIS A 214 -15.32 -16.54 26.12
CA HIS A 214 -14.96 -15.80 27.36
C HIS A 214 -15.85 -14.61 27.65
N VAL A 215 -16.85 -14.38 26.84
CA VAL A 215 -17.82 -13.29 27.07
C VAL A 215 -19.21 -13.90 27.02
N GLU A 216 -20.12 -13.48 27.90
CA GLU A 216 -21.50 -13.96 27.93
C GLU A 216 -22.14 -13.84 26.57
N LYS A 217 -22.95 -14.80 26.27
CA LYS A 217 -23.54 -14.94 24.95
CA LYS A 217 -23.53 -14.94 24.95
C LYS A 217 -24.35 -13.69 24.57
N ASP A 218 -25.08 -13.08 25.47
N ASP A 218 -25.06 -13.07 25.54
CA ASP A 218 -25.99 -12.03 25.03
CA ASP A 218 -25.97 -11.90 25.34
C ASP A 218 -25.21 -10.71 24.76
C ASP A 218 -25.19 -10.74 24.72
N PHE A 219 -23.89 -10.68 24.95
CA PHE A 219 -23.08 -9.52 24.44
C PHE A 219 -23.00 -9.56 22.90
N TRP A 220 -22.93 -10.78 22.34
CA TRP A 220 -22.44 -10.94 20.98
C TRP A 220 -23.32 -10.46 19.86
N PRO A 221 -24.65 -10.72 19.86
CA PRO A 221 -25.46 -10.32 18.70
C PRO A 221 -25.36 -8.83 18.42
N ASP A 222 -25.49 -8.00 19.44
CA ASP A 222 -25.44 -6.56 19.23
C ASP A 222 -24.09 -6.12 18.66
N PHE A 223 -23.01 -6.68 19.22
CA PHE A 223 -21.64 -6.40 18.73
C PHE A 223 -21.48 -6.82 17.27
N ALA A 224 -21.89 -8.04 16.97
CA ALA A 224 -21.77 -8.56 15.58
C ALA A 224 -22.55 -7.66 14.64
N TRP A 225 -23.80 -7.35 14.98
CA TRP A 225 -24.61 -6.47 14.11
C TRP A 225 -24.03 -5.09 13.96
N ALA A 226 -23.42 -4.55 15.00
CA ALA A 226 -22.75 -3.22 14.93
C ALA A 226 -21.62 -3.21 13.87
N SER A 227 -20.99 -4.37 13.68
N SER A 227 -20.97 -4.33 13.63
CA SER A 227 -19.89 -4.60 12.70
CA SER A 227 -19.84 -4.37 12.67
C SER A 227 -20.36 -4.17 11.29
C SER A 227 -20.33 -4.19 11.23
N GLY A 228 -21.60 -4.49 10.99
CA GLY A 228 -22.14 -4.32 9.63
C GLY A 228 -21.66 -5.35 8.58
N SER A 229 -20.88 -6.36 8.96
N SER A 229 -20.97 -6.40 9.00
CA SER A 229 -20.35 -7.36 8.01
CA SER A 229 -20.34 -7.36 8.09
C SER A 229 -20.43 -8.77 8.63
C SER A 229 -20.52 -8.79 8.62
N TYR A 230 -20.09 -9.75 7.82
CA TYR A 230 -19.84 -11.12 8.25
C TYR A 230 -18.88 -11.09 9.43
N THR A 231 -19.18 -11.89 10.42
CA THR A 231 -18.37 -12.14 11.63
C THR A 231 -18.14 -13.65 11.77
N ILE A 232 -16.92 -13.99 12.05
CA ILE A 232 -16.51 -15.36 12.36
C ILE A 232 -15.89 -15.37 13.74
N GLY A 233 -16.44 -16.26 14.60
CA GLY A 233 -15.98 -16.28 15.98
C GLY A 233 -14.98 -17.39 16.29
N GLU A 234 -14.09 -17.10 17.22
CA GLU A 234 -13.16 -18.09 17.79
C GLU A 234 -13.73 -18.67 19.09
N VAL A 235 -14.22 -19.91 19.03
CA VAL A 235 -14.61 -20.69 20.23
C VAL A 235 -13.64 -21.84 20.28
N PHE A 236 -12.59 -21.77 21.09
CA PHE A 236 -11.50 -22.76 21.13
C PHE A 236 -11.98 -23.96 21.94
N SER A 237 -12.59 -24.93 21.23
CA SER A 237 -13.13 -26.16 21.85
C SER A 237 -13.34 -27.21 20.75
N GLY A 238 -13.01 -28.42 21.08
CA GLY A 238 -13.31 -29.61 20.24
C GLY A 238 -14.69 -30.17 20.38
N ASP A 239 -15.46 -29.61 21.29
CA ASP A 239 -16.80 -30.15 21.56
C ASP A 239 -17.79 -29.47 20.64
N PRO A 240 -18.38 -30.20 19.68
CA PRO A 240 -19.25 -29.56 18.70
C PRO A 240 -20.54 -28.97 19.28
N ASN A 241 -21.09 -29.62 20.32
CA ASN A 241 -22.27 -29.10 21.01
C ASN A 241 -21.96 -27.73 21.62
N TYR A 242 -20.81 -27.63 22.29
CA TYR A 242 -20.40 -26.39 22.94
C TYR A 242 -20.23 -25.29 21.90
N VAL A 243 -19.45 -25.60 20.87
CA VAL A 243 -19.18 -24.63 19.81
C VAL A 243 -20.47 -24.18 19.13
N ALA A 244 -21.33 -25.13 18.79
CA ALA A 244 -22.56 -24.77 18.07
C ALA A 244 -23.49 -23.91 18.93
N GLY A 245 -23.36 -23.91 20.26
CA GLY A 245 -24.14 -22.99 21.09
C GLY A 245 -23.84 -21.54 20.92
N TYR A 246 -22.82 -21.21 20.13
CA TYR A 246 -22.50 -19.84 19.78
C TYR A 246 -22.93 -19.50 18.34
N SER A 247 -23.41 -20.48 17.58
CA SER A 247 -23.57 -20.39 16.11
C SER A 247 -24.70 -19.47 15.69
N LYS A 248 -25.64 -19.15 16.53
CA LYS A 248 -26.71 -18.24 16.15
C LYS A 248 -26.43 -16.78 16.51
N LEU A 249 -25.24 -16.56 17.06
CA LEU A 249 -24.85 -15.22 17.59
C LEU A 249 -24.07 -14.42 16.61
N MET A 250 -23.56 -15.01 15.54
CA MET A 250 -22.68 -14.38 14.59
C MET A 250 -22.66 -15.17 13.28
N GLY A 251 -21.97 -14.64 12.28
CA GLY A 251 -22.15 -15.27 10.96
C GLY A 251 -21.61 -16.66 10.84
N GLY A 252 -20.46 -16.94 11.43
CA GLY A 252 -19.88 -18.24 11.38
C GLY A 252 -18.96 -18.43 12.57
N LEU A 253 -18.38 -19.60 12.65
CA LEU A 253 -17.40 -19.97 13.66
C LEU A 253 -16.20 -20.65 13.05
N LEU A 254 -15.05 -20.49 13.67
CA LEU A 254 -13.89 -21.29 13.30
C LEU A 254 -14.16 -22.75 13.63
N ASN A 255 -13.81 -23.63 12.69
CA ASN A 255 -14.18 -25.05 12.85
C ASN A 255 -13.17 -25.79 13.71
N TYR A 256 -13.04 -25.39 14.98
CA TYR A 256 -12.24 -26.13 15.95
C TYR A 256 -12.71 -27.56 16.09
N PRO A 257 -14.02 -27.86 16.03
CA PRO A 257 -14.37 -29.29 16.17
C PRO A 257 -13.73 -30.18 15.12
N VAL A 258 -13.77 -29.76 13.85
CA VAL A 258 -13.09 -30.54 12.79
C VAL A 258 -11.57 -30.56 12.88
N TYR A 259 -10.98 -29.49 13.36
CA TYR A 259 -9.52 -29.36 13.49
C TYR A 259 -8.90 -30.59 14.11
N PHE A 260 -9.47 -31.08 15.20
CA PHE A 260 -8.84 -32.19 15.96
C PHE A 260 -8.82 -33.48 15.12
N PRO A 261 -9.94 -34.04 14.64
CA PRO A 261 -9.86 -35.31 13.93
C PRO A 261 -9.26 -35.13 12.52
N LEU A 262 -9.32 -33.94 11.97
CA LEU A 262 -8.58 -33.63 10.72
C LEU A 262 -7.10 -33.95 10.91
N ASN A 263 -6.54 -33.34 11.95
CA ASN A 263 -5.13 -33.61 12.24
C ASN A 263 -4.89 -35.05 12.61
N ARG A 264 -5.75 -35.68 13.37
N ARG A 264 -5.76 -35.68 13.37
CA ARG A 264 -5.50 -37.07 13.78
CA ARG A 264 -5.49 -37.09 13.76
C ARG A 264 -5.49 -38.01 12.54
C ARG A 264 -5.45 -37.98 12.51
N PHE A 265 -6.33 -37.78 11.54
CA PHE A 265 -6.33 -38.64 10.37
C PHE A 265 -5.07 -38.39 9.52
N TYR A 266 -4.80 -37.16 9.18
CA TYR A 266 -3.67 -36.90 8.29
C TYR A 266 -2.30 -36.96 8.97
N GLN A 267 -2.23 -37.06 10.30
CA GLN A 267 -0.96 -37.39 11.00
C GLN A 267 -0.89 -38.87 11.34
N GLN A 268 -1.75 -39.71 10.74
CA GLN A 268 -1.61 -41.18 10.81
C GLN A 268 -1.91 -41.67 12.23
N GLN A 269 -2.73 -40.94 12.97
CA GLN A 269 -3.08 -41.29 14.37
C GLN A 269 -4.43 -42.06 14.44
N ASN A 270 -5.37 -41.78 13.56
CA ASN A 270 -6.71 -42.38 13.55
C ASN A 270 -7.22 -42.46 12.10
N SER A 271 -8.29 -43.24 11.87
CA SER A 271 -8.98 -43.36 10.59
C SER A 271 -9.65 -42.06 10.20
N SER A 272 -10.10 -42.04 8.97
CA SER A 272 -10.88 -40.96 8.42
C SER A 272 -12.29 -40.92 9.02
N GLN A 273 -12.79 -42.03 9.60
CA GLN A 273 -14.15 -42.06 10.06
C GLN A 273 -14.42 -40.95 11.09
N ALA A 274 -13.50 -40.65 12.00
CA ALA A 274 -13.76 -39.63 13.01
C ALA A 274 -13.81 -38.25 12.36
N LEU A 275 -13.06 -38.02 11.27
CA LEU A 275 -13.17 -36.73 10.56
C LEU A 275 -14.54 -36.61 9.93
N VAL A 276 -14.97 -37.63 9.22
CA VAL A 276 -16.28 -37.62 8.55
C VAL A 276 -17.39 -37.45 9.60
N ASP A 277 -17.30 -38.17 10.68
CA ASP A 277 -18.31 -38.07 11.79
C ASP A 277 -18.41 -36.64 12.30
N MET A 278 -17.27 -36.02 12.54
CA MET A 278 -17.26 -34.66 13.11
C MET A 278 -17.71 -33.68 12.03
N HIS A 279 -17.30 -33.80 10.82
CA HIS A 279 -17.83 -32.98 9.70
C HIS A 279 -19.34 -33.06 9.69
N ASN A 280 -19.92 -34.27 9.79
CA ASN A 280 -21.39 -34.43 9.80
C ASN A 280 -21.95 -33.81 11.07
N GLN A 281 -21.39 -34.08 12.21
CA GLN A 281 -21.96 -33.63 13.52
C GLN A 281 -21.99 -32.08 13.57
N ILE A 282 -20.86 -31.40 13.39
CA ILE A 282 -20.86 -29.93 13.51
C ILE A 282 -21.75 -29.37 12.44
N GLY A 283 -21.76 -29.96 11.24
CA GLY A 283 -22.63 -29.44 10.17
C GLY A 283 -24.09 -29.46 10.56
N SER A 284 -24.57 -30.49 11.27
CA SER A 284 -25.95 -30.70 11.65
C SER A 284 -26.33 -29.70 12.77
N LEU A 285 -25.37 -29.13 13.50
CA LEU A 285 -25.67 -28.40 14.75
C LEU A 285 -25.66 -26.90 14.52
N VAL A 286 -25.14 -26.42 13.41
CA VAL A 286 -25.11 -24.97 13.14
C VAL A 286 -26.16 -24.66 12.11
N PRO A 287 -26.56 -23.39 11.99
CA PRO A 287 -27.60 -23.07 10.98
C PRO A 287 -27.20 -23.34 9.52
N ASP A 288 -25.97 -23.05 9.21
CA ASP A 288 -25.49 -23.09 7.82
C ASP A 288 -24.00 -23.47 7.83
N PRO A 289 -23.64 -24.76 7.63
CA PRO A 289 -22.26 -25.18 7.80
C PRO A 289 -21.33 -24.57 6.73
N THR A 290 -21.85 -23.95 5.69
CA THR A 290 -21.04 -23.30 4.70
C THR A 290 -20.38 -22.05 5.26
N THR A 291 -20.74 -21.58 6.46
CA THR A 291 -20.20 -20.37 7.03
C THR A 291 -19.09 -20.70 8.03
N LEU A 292 -18.80 -21.96 8.27
CA LEU A 292 -17.70 -22.39 9.17
C LEU A 292 -16.34 -22.22 8.46
N GLY A 293 -15.37 -21.82 9.24
CA GLY A 293 -13.97 -21.63 8.71
C GLY A 293 -13.15 -22.88 8.98
N THR A 294 -12.67 -23.48 7.87
CA THR A 294 -11.94 -24.74 7.97
C THR A 294 -10.43 -24.41 8.04
N PHE A 295 -9.74 -25.00 8.97
CA PHE A 295 -8.28 -24.82 9.13
C PHE A 295 -7.61 -26.04 9.67
N LEU A 296 -6.33 -26.13 9.29
CA LEU A 296 -5.46 -27.21 9.67
C LEU A 296 -4.52 -26.84 10.84
N ASP A 297 -4.04 -25.62 10.82
CA ASP A 297 -3.14 -25.08 11.84
C ASP A 297 -3.38 -23.56 11.93
N ASN A 298 -2.75 -22.91 12.88
CA ASN A 298 -2.90 -21.48 13.12
C ASN A 298 -1.81 -21.01 14.08
N HIS A 299 -1.99 -19.78 14.55
CA HIS A 299 -0.96 -19.10 15.37
C HIS A 299 -1.00 -19.55 16.82
N ASP A 300 -1.98 -20.33 17.23
CA ASP A 300 -2.14 -20.77 18.63
C ASP A 300 -1.82 -22.27 18.80
N ASN A 301 -1.33 -22.96 17.76
CA ASN A 301 -1.05 -24.39 17.85
C ASN A 301 0.21 -24.60 17.02
N PRO A 302 0.99 -25.64 17.32
CA PRO A 302 2.14 -25.94 16.48
C PRO A 302 1.76 -26.10 15.02
N ARG A 303 2.66 -25.73 14.08
CA ARG A 303 2.35 -25.95 12.66
C ARG A 303 2.27 -27.45 12.38
N PHE A 304 1.50 -27.79 11.35
CA PHE A 304 1.34 -29.21 10.94
C PHE A 304 2.71 -29.87 10.79
N LEU A 305 3.64 -29.26 10.05
CA LEU A 305 4.90 -29.87 9.73
C LEU A 305 5.84 -29.96 10.94
N SER A 306 5.56 -29.19 12.01
CA SER A 306 6.24 -29.40 13.30
C SER A 306 5.85 -30.71 13.98
N GLN A 307 4.62 -31.12 13.73
CA GLN A 307 4.03 -32.29 14.40
C GLN A 307 4.31 -33.54 13.52
N LYS A 308 4.23 -33.41 12.23
CA LYS A 308 4.34 -34.51 11.28
C LYS A 308 5.08 -33.99 10.07
N ASN A 309 6.36 -34.29 9.99
CA ASN A 309 7.24 -33.74 8.95
C ASN A 309 7.13 -34.52 7.64
N ASP A 310 6.01 -34.35 6.97
CA ASP A 310 5.72 -35.14 5.76
C ASP A 310 4.90 -34.23 4.85
N VAL A 311 5.49 -33.71 3.82
CA VAL A 311 4.84 -32.79 2.91
C VAL A 311 3.72 -33.48 2.17
N SER A 312 3.78 -34.77 1.87
CA SER A 312 2.65 -35.46 1.24
C SER A 312 1.46 -35.44 2.19
N LEU A 313 1.65 -35.74 3.48
CA LEU A 313 0.51 -35.72 4.41
C LEU A 313 -0.03 -34.30 4.54
N PHE A 314 0.83 -33.30 4.57
CA PHE A 314 0.38 -31.88 4.64
C PHE A 314 -0.50 -31.59 3.43
N LYS A 315 -0.08 -31.97 2.25
CA LYS A 315 -0.85 -31.73 1.03
C LYS A 315 -2.22 -32.40 1.10
N ASN A 316 -2.27 -33.62 1.57
CA ASN A 316 -3.57 -34.30 1.69
C ASN A 316 -4.50 -33.54 2.64
N ALA A 317 -3.97 -33.13 3.82
CA ALA A 317 -4.76 -32.38 4.81
C ALA A 317 -5.21 -31.09 4.19
N LEU A 318 -4.38 -30.37 3.51
CA LEU A 318 -4.72 -29.06 2.92
C LEU A 318 -5.73 -29.22 1.79
N THR A 319 -5.79 -30.38 1.15
CA THR A 319 -6.80 -30.69 0.12
C THR A 319 -8.19 -30.63 0.75
N TYR A 320 -8.29 -31.20 1.97
CA TYR A 320 -9.56 -31.06 2.74
C TYR A 320 -9.83 -29.59 3.09
N VAL A 321 -8.81 -28.91 3.63
CA VAL A 321 -9.04 -27.50 3.98
C VAL A 321 -9.58 -26.71 2.78
N LEU A 322 -9.03 -26.89 1.59
CA LEU A 322 -9.35 -26.08 0.44
C LEU A 322 -10.64 -26.55 -0.29
N LEU A 323 -10.92 -27.84 -0.28
CA LEU A 323 -12.01 -28.37 -1.13
C LEU A 323 -13.14 -28.97 -0.31
N ALA A 324 -13.08 -28.99 0.99
CA ALA A 324 -14.24 -29.36 1.80
C ALA A 324 -15.25 -28.24 1.90
N ARG A 325 -16.47 -28.61 2.20
CA ARG A 325 -17.48 -27.65 2.68
C ARG A 325 -16.89 -26.67 3.67
N GLY A 326 -17.25 -25.42 3.56
CA GLY A 326 -16.78 -24.37 4.45
C GLY A 326 -15.87 -23.38 3.73
N ILE A 327 -15.39 -22.40 4.50
CA ILE A 327 -14.53 -21.32 4.03
C ILE A 327 -13.08 -21.69 4.40
N PRO A 328 -12.21 -21.96 3.42
CA PRO A 328 -10.84 -22.32 3.81
C PRO A 328 -10.09 -21.16 4.45
N ILE A 329 -9.29 -21.49 5.46
CA ILE A 329 -8.42 -20.51 6.12
C ILE A 329 -7.03 -21.12 6.20
N VAL A 330 -6.11 -20.60 5.43
CA VAL A 330 -4.72 -21.11 5.39
C VAL A 330 -3.83 -20.15 6.18
N TYR A 331 -3.04 -20.71 7.05
CA TYR A 331 -2.13 -19.95 7.93
C TYR A 331 -0.89 -19.54 7.11
N TYR A 332 -0.56 -18.26 7.15
CA TYR A 332 0.61 -17.73 6.38
C TYR A 332 1.83 -18.58 6.72
N GLY A 333 2.68 -18.77 5.72
CA GLY A 333 3.90 -19.57 5.85
C GLY A 333 3.67 -21.03 5.49
N SER A 334 2.42 -21.48 5.45
CA SER A 334 2.13 -22.84 4.96
C SER A 334 2.70 -23.02 3.56
N GLU A 335 2.63 -21.97 2.74
CA GLU A 335 3.07 -22.01 1.33
C GLU A 335 4.59 -22.02 1.20
N GLN A 336 5.32 -21.91 2.30
CA GLN A 336 6.80 -22.05 2.31
C GLN A 336 7.17 -23.24 3.20
N ALA A 337 6.22 -24.09 3.51
CA ALA A 337 6.50 -25.33 4.26
C ALA A 337 7.14 -24.99 5.61
N TYR A 338 6.68 -23.94 6.29
CA TYR A 338 7.14 -23.63 7.65
C TYR A 338 6.80 -24.80 8.58
N ALA A 339 7.67 -24.95 9.59
CA ALA A 339 7.59 -26.10 10.51
C ALA A 339 7.79 -25.75 11.95
N GLY A 340 7.62 -24.48 12.31
CA GLY A 340 7.78 -24.13 13.71
C GLY A 340 6.68 -24.65 14.62
N GLY A 341 7.08 -24.89 15.85
CA GLY A 341 6.27 -25.50 16.90
C GLY A 341 5.45 -24.47 17.71
N GLY A 342 5.27 -24.66 18.99
CA GLY A 342 4.43 -23.83 19.79
C GLY A 342 4.87 -22.39 19.77
N ASP A 343 3.85 -21.55 19.95
CA ASP A 343 3.91 -20.08 20.04
C ASP A 343 5.07 -19.70 20.93
N PRO A 344 6.03 -18.88 20.45
CA PRO A 344 6.00 -18.07 19.21
C PRO A 344 6.70 -18.66 18.01
N GLN A 345 7.15 -19.94 18.11
CA GLN A 345 7.96 -20.53 17.05
C GLN A 345 7.20 -20.84 15.76
N ASN A 346 5.88 -20.82 15.84
CA ASN A 346 4.97 -20.98 14.71
C ASN A 346 4.62 -19.61 14.08
N ARG A 347 5.30 -18.55 14.51
CA ARG A 347 5.04 -17.19 13.99
C ARG A 347 6.30 -16.66 13.32
N GLU A 348 6.95 -17.52 12.54
CA GLU A 348 8.16 -17.13 11.80
C GLU A 348 7.84 -15.96 10.87
N ASP A 349 8.81 -15.05 10.68
CA ASP A 349 8.65 -14.07 9.59
C ASP A 349 8.60 -14.77 8.23
N LEU A 350 7.97 -14.09 7.25
CA LEU A 350 7.87 -14.66 5.91
C LEU A 350 9.07 -14.24 5.08
N TRP A 351 9.77 -13.14 5.41
CA TRP A 351 10.83 -12.67 4.53
C TRP A 351 12.03 -13.58 4.51
N ARG A 352 12.24 -14.41 5.53
CA ARG A 352 13.33 -15.42 5.46
C ARG A 352 13.15 -16.32 4.23
N SER A 353 11.92 -16.58 3.80
CA SER A 353 11.63 -17.47 2.65
C SER A 353 11.92 -16.83 1.31
N ARG A 354 12.12 -15.51 1.31
CA ARG A 354 12.34 -14.69 0.09
C ARG A 354 11.07 -14.77 -0.79
N PHE A 355 9.90 -15.08 -0.19
CA PHE A 355 8.60 -14.94 -0.86
C PHE A 355 8.63 -15.75 -2.17
N ASN A 356 9.15 -16.96 -2.07
CA ASN A 356 9.40 -17.84 -3.23
C ASN A 356 8.07 -18.28 -3.87
N THR A 357 7.74 -17.78 -5.05
CA THR A 357 6.50 -18.12 -5.72
C THR A 357 6.68 -19.37 -6.59
N ASN A 358 7.84 -20.00 -6.52
CA ASN A 358 8.12 -21.29 -7.14
C ASN A 358 8.29 -22.40 -6.17
N SER A 359 8.04 -22.15 -4.87
CA SER A 359 8.18 -23.26 -3.91
C SER A 359 7.12 -24.34 -4.24
N ASP A 360 7.41 -25.58 -3.81
CA ASP A 360 6.50 -26.71 -3.98
C ASP A 360 5.14 -26.36 -3.39
N MET A 361 5.09 -25.86 -2.18
CA MET A 361 3.80 -25.57 -1.53
CA MET A 361 3.79 -25.59 -1.56
C MET A 361 3.10 -24.38 -2.17
N TYR A 362 3.81 -23.40 -2.63
CA TYR A 362 3.19 -22.25 -3.29
C TYR A 362 2.43 -22.74 -4.53
N LYS A 363 3.08 -23.59 -5.31
CA LYS A 363 2.48 -24.05 -6.55
C LYS A 363 1.28 -24.98 -6.24
N PHE A 364 1.35 -25.71 -5.14
CA PHE A 364 0.25 -26.57 -4.69
C PHE A 364 -0.97 -25.73 -4.33
N PHE A 365 -0.80 -24.70 -3.52
CA PHE A 365 -1.91 -23.83 -3.18
C PHE A 365 -2.45 -23.15 -4.44
N GLN A 366 -1.58 -22.74 -5.33
CA GLN A 366 -2.01 -22.10 -6.56
C GLN A 366 -2.90 -23.03 -7.40
N ALA A 367 -2.55 -24.31 -7.46
CA ALA A 367 -3.35 -25.31 -8.23
C ALA A 367 -4.74 -25.45 -7.57
N LEU A 368 -4.81 -25.59 -6.25
CA LEU A 368 -6.13 -25.76 -5.61
C LEU A 368 -6.92 -24.48 -5.69
N GLY A 369 -6.25 -23.32 -5.62
CA GLY A 369 -6.92 -22.03 -5.85
C GLY A 369 -7.54 -21.97 -7.22
N GLY A 370 -6.90 -22.52 -8.23
CA GLY A 370 -7.49 -22.53 -9.59
C GLY A 370 -8.72 -23.39 -9.68
N VAL A 371 -8.74 -24.52 -8.98
CA VAL A 371 -9.94 -25.35 -8.91
C VAL A 371 -11.05 -24.55 -8.28
N ARG A 372 -10.80 -23.91 -7.15
CA ARG A 372 -11.88 -23.15 -6.49
C ARG A 372 -12.40 -22.04 -7.41
N LYS A 373 -11.52 -21.32 -8.05
CA LYS A 373 -11.93 -20.16 -8.89
C LYS A 373 -12.82 -20.65 -10.05
N SER A 374 -12.44 -21.78 -10.65
CA SER A 374 -13.17 -22.28 -11.83
C SER A 374 -14.51 -22.86 -11.41
N HIS A 375 -14.79 -23.03 -10.09
CA HIS A 375 -16.04 -23.58 -9.59
C HIS A 375 -16.68 -22.58 -8.61
N GLY A 376 -16.55 -21.28 -8.82
CA GLY A 376 -17.35 -20.32 -8.08
C GLY A 376 -16.94 -20.10 -6.65
N GLY A 377 -15.78 -20.57 -6.25
CA GLY A 377 -15.42 -20.49 -4.83
C GLY A 377 -16.11 -21.56 -3.98
N LEU A 378 -16.71 -22.55 -4.60
CA LEU A 378 -17.33 -23.70 -3.92
C LEU A 378 -18.12 -23.30 -2.66
N PRO A 379 -19.17 -22.46 -2.81
CA PRO A 379 -19.90 -22.00 -1.62
C PRO A 379 -21.04 -22.95 -1.22
N GLY A 380 -21.25 -24.02 -1.98
CA GLY A 380 -22.43 -24.85 -1.69
C GLY A 380 -22.34 -25.78 -0.48
N ASN A 381 -23.48 -26.26 -0.02
CA ASN A 381 -23.62 -27.30 1.01
C ASN A 381 -23.84 -28.60 0.23
N ASP A 382 -22.73 -29.01 -0.43
CA ASP A 382 -22.83 -30.00 -1.51
C ASP A 382 -21.62 -30.94 -1.42
N HIS A 383 -21.17 -31.30 -0.24
CA HIS A 383 -19.97 -32.11 0.01
C HIS A 383 -20.47 -33.54 0.22
N VAL A 384 -20.19 -34.41 -0.74
CA VAL A 384 -20.71 -35.81 -0.79
C VAL A 384 -19.55 -36.74 -0.43
N HIS A 385 -19.65 -37.44 0.69
CA HIS A 385 -18.66 -38.45 1.07
C HIS A 385 -18.76 -39.60 0.08
N LEU A 386 -17.61 -39.98 -0.50
CA LEU A 386 -17.55 -41.10 -1.50
C LEU A 386 -16.88 -42.32 -0.98
N PHE A 387 -15.88 -42.17 -0.16
CA PHE A 387 -15.03 -43.30 0.17
C PHE A 387 -14.44 -42.97 1.53
N VAL A 388 -14.68 -43.82 2.50
CA VAL A 388 -14.32 -43.57 3.92
C VAL A 388 -13.72 -44.79 4.58
N GLU A 389 -12.37 -44.84 4.56
CA GLU A 389 -11.65 -46.03 5.00
C GLU A 389 -10.53 -45.69 5.99
N SER A 390 -9.85 -46.70 6.56
CA SER A 390 -8.79 -46.57 7.57
C SER A 390 -7.77 -45.54 7.11
N ASP A 391 -7.38 -45.60 5.86
CA ASP A 391 -6.22 -44.85 5.34
C ASP A 391 -6.58 -43.92 4.19
N ALA A 392 -7.86 -43.65 3.94
CA ALA A 392 -8.24 -42.90 2.72
C ALA A 392 -9.61 -42.26 2.91
N TYR A 393 -9.76 -41.13 2.26
CA TYR A 393 -11.00 -40.36 2.28
C TYR A 393 -11.18 -39.68 0.89
N ALA A 394 -12.31 -39.87 0.24
CA ALA A 394 -12.61 -39.18 -1.01
C ALA A 394 -14.01 -38.58 -0.84
N TRP A 395 -14.14 -37.47 -1.51
CA TRP A 395 -15.42 -36.70 -1.56
C TRP A 395 -15.54 -35.94 -2.89
N SER A 396 -16.73 -35.41 -3.15
CA SER A 396 -16.93 -34.54 -4.29
C SER A 396 -17.74 -33.33 -3.85
N ARG A 397 -17.70 -32.40 -4.74
CA ARG A 397 -18.46 -31.13 -4.70
C ARG A 397 -19.12 -30.92 -6.02
N GLN A 398 -20.15 -30.08 -6.00
CA GLN A 398 -20.80 -29.58 -7.27
C GLN A 398 -21.20 -30.77 -8.17
N ASP A 399 -21.95 -31.70 -7.61
CA ASP A 399 -22.59 -32.74 -8.48
C ASP A 399 -21.51 -33.51 -9.25
N GLY A 400 -20.34 -33.71 -8.61
CA GLY A 400 -19.23 -34.49 -9.18
C GLY A 400 -18.29 -33.70 -10.05
N ALA A 401 -18.47 -32.39 -10.21
CA ALA A 401 -17.55 -31.57 -11.01
C ALA A 401 -16.14 -31.57 -10.45
N VAL A 402 -16.07 -31.58 -9.10
CA VAL A 402 -14.74 -31.59 -8.43
C VAL A 402 -14.74 -32.77 -7.49
N MET A 403 -13.61 -33.47 -7.46
N MET A 403 -13.75 -33.67 -7.58
CA MET A 403 -13.53 -34.67 -6.63
CA MET A 403 -13.58 -34.70 -6.53
C MET A 403 -12.12 -34.79 -6.07
C MET A 403 -12.16 -34.68 -6.02
N ALA A 404 -12.00 -35.23 -4.82
CA ALA A 404 -10.69 -35.36 -4.14
C ALA A 404 -10.60 -36.76 -3.57
N LEU A 405 -9.44 -37.36 -3.83
CA LEU A 405 -9.00 -38.59 -3.14
C LEU A 405 -7.78 -38.26 -2.31
N THR A 406 -7.92 -38.47 -1.03
CA THR A 406 -6.86 -38.21 -0.05
C THR A 406 -6.56 -39.46 0.73
N SER A 407 -5.40 -39.53 1.35
CA SER A 407 -4.97 -40.66 2.09
C SER A 407 -3.95 -40.23 3.14
N ASN A 408 -3.71 -41.10 4.11
CA ASN A 408 -2.68 -40.86 5.14
C ASN A 408 -1.56 -41.91 5.03
N ILE A 409 -1.34 -42.44 3.84
CA ILE A 409 -0.26 -43.47 3.70
C ILE A 409 1.11 -42.82 3.88
N GLY A 410 1.30 -41.56 3.47
CA GLY A 410 2.56 -40.87 3.69
C GLY A 410 3.48 -40.92 2.48
N LYS A 411 4.51 -40.12 2.56
CA LYS A 411 5.50 -39.99 1.46
C LYS A 411 6.12 -41.33 1.13
N GLY A 412 6.38 -41.49 -0.14
CA GLY A 412 7.03 -42.71 -0.67
C GLY A 412 6.18 -43.95 -0.78
N GLN A 413 4.87 -43.79 -0.62
CA GLN A 413 3.96 -44.96 -0.60
C GLN A 413 2.99 -44.93 -1.78
N GLN A 414 2.69 -46.11 -2.32
CA GLN A 414 1.77 -46.29 -3.45
C GLN A 414 0.63 -47.21 -2.96
N ARG A 415 -0.59 -46.95 -3.41
CA ARG A 415 -1.76 -47.80 -3.16
C ARG A 415 -2.73 -47.60 -4.30
N GLN A 416 -3.57 -48.58 -4.53
CA GLN A 416 -4.72 -48.38 -5.40
C GLN A 416 -5.97 -48.25 -4.54
N PHE A 417 -6.74 -47.21 -4.77
CA PHE A 417 -8.10 -47.05 -4.12
C PHE A 417 -9.17 -47.04 -5.21
N CYS A 418 -10.23 -47.85 -5.05
CA CYS A 418 -11.40 -47.92 -5.97
C CYS A 418 -12.63 -47.55 -5.16
N PHE A 419 -13.45 -46.69 -5.75
CA PHE A 419 -14.64 -46.13 -5.06
C PHE A 419 -15.70 -45.74 -6.05
N PHE A 420 -16.98 -45.69 -5.52
CA PHE A 420 -18.12 -45.32 -6.32
C PHE A 420 -18.13 -43.81 -6.31
N THR A 421 -18.15 -43.25 -7.49
CA THR A 421 -18.24 -41.78 -7.72
C THR A 421 -19.68 -41.22 -7.76
N GLN A 422 -20.64 -42.07 -8.03
CA GLN A 422 -22.11 -41.72 -8.20
C GLN A 422 -22.29 -41.02 -9.54
N LYS A 423 -21.33 -41.10 -10.42
CA LYS A 423 -21.42 -40.54 -11.80
C LYS A 423 -21.06 -41.61 -12.82
N ASN A 424 -22.06 -41.97 -13.63
CA ASN A 424 -21.81 -43.04 -14.59
C ASN A 424 -21.00 -42.53 -15.76
N ASN A 425 -20.00 -43.34 -16.23
CA ASN A 425 -19.32 -43.08 -17.50
C ASN A 425 -18.90 -41.65 -17.59
N LYS A 426 -18.24 -41.13 -16.56
CA LYS A 426 -17.85 -39.72 -16.51
C LYS A 426 -16.34 -39.63 -16.59
N THR A 427 -15.90 -38.57 -17.22
CA THR A 427 -14.49 -38.31 -17.35
C THR A 427 -14.03 -37.10 -16.54
N TRP A 428 -12.90 -37.20 -15.89
CA TRP A 428 -12.23 -36.13 -15.16
C TRP A 428 -10.80 -36.08 -15.64
N ARG A 429 -10.19 -34.95 -15.38
CA ARG A 429 -8.73 -34.75 -15.55
C ARG A 429 -8.13 -34.59 -14.15
N GLY A 430 -6.99 -35.30 -13.89
CA GLY A 430 -6.25 -35.05 -12.68
C GLY A 430 -5.48 -33.76 -12.82
N ILE A 431 -5.69 -32.84 -11.87
CA ILE A 431 -5.06 -31.53 -12.03
C ILE A 431 -3.55 -31.63 -11.83
N PHE A 432 -3.09 -32.56 -10.99
CA PHE A 432 -1.66 -32.69 -10.78
C PHE A 432 -1.00 -33.53 -11.87
N ASP A 433 -1.52 -34.68 -12.17
CA ASP A 433 -0.83 -35.66 -13.08
C ASP A 433 -1.24 -35.49 -14.56
N GLY A 434 -2.28 -34.70 -14.89
CA GLY A 434 -2.83 -34.53 -16.27
C GLY A 434 -3.52 -35.76 -16.79
N LYS A 435 -3.72 -36.81 -15.99
CA LYS A 435 -4.28 -38.02 -16.53
C LYS A 435 -5.78 -37.89 -16.67
N THR A 436 -6.32 -38.68 -17.56
CA THR A 436 -7.74 -38.82 -17.83
C THR A 436 -8.19 -39.99 -16.91
N TYR A 437 -9.22 -39.75 -16.14
CA TYR A 437 -9.88 -40.73 -15.28
C TYR A 437 -11.31 -40.89 -15.80
N THR A 438 -11.73 -42.11 -15.99
CA THR A 438 -13.07 -42.42 -16.46
C THR A 438 -13.75 -43.39 -15.55
N SER A 439 -14.91 -43.00 -15.01
CA SER A 439 -15.66 -43.98 -14.23
C SER A 439 -16.37 -45.00 -15.14
N GLY A 440 -16.60 -46.14 -14.59
CA GLY A 440 -17.29 -47.21 -15.33
C GLY A 440 -18.78 -46.94 -15.48
N GLY A 441 -19.48 -47.91 -16.04
CA GLY A 441 -20.93 -47.81 -16.12
C GLY A 441 -21.60 -47.78 -14.78
N ASP A 442 -21.02 -48.42 -13.79
CA ASP A 442 -21.42 -48.43 -12.36
C ASP A 442 -20.92 -47.19 -11.58
N GLY A 443 -20.28 -46.23 -12.23
CA GLY A 443 -19.69 -45.10 -11.55
C GLY A 443 -18.44 -45.38 -10.73
N LYS A 444 -17.90 -46.58 -10.77
CA LYS A 444 -16.68 -46.97 -10.03
C LYS A 444 -15.39 -46.47 -10.71
N LEU A 445 -14.53 -45.85 -9.89
CA LEU A 445 -13.23 -45.40 -10.36
C LEU A 445 -12.13 -45.98 -9.51
N CYS A 446 -11.07 -46.46 -10.13
CA CYS A 446 -9.88 -46.87 -9.41
C CYS A 446 -8.77 -45.87 -9.75
N ALA A 447 -8.01 -45.52 -8.76
CA ALA A 447 -6.85 -44.63 -9.01
C ALA A 447 -5.69 -45.05 -8.14
N THR A 448 -4.48 -44.89 -8.60
N THR A 448 -4.49 -44.94 -8.67
CA THR A 448 -3.31 -45.26 -7.80
CA THR A 448 -3.25 -45.22 -7.94
C THR A 448 -2.62 -43.99 -7.34
C THR A 448 -2.68 -43.94 -7.34
N VAL A 449 -2.51 -43.92 -6.04
CA VAL A 449 -1.78 -42.85 -5.35
C VAL A 449 -0.31 -43.16 -5.39
N ASN A 450 0.50 -42.17 -5.68
CA ASN A 450 1.97 -42.26 -5.75
C ASN A 450 2.54 -41.24 -4.77
N ASN A 451 3.61 -41.61 -4.10
CA ASN A 451 4.28 -40.76 -3.14
C ASN A 451 3.33 -40.22 -2.10
N GLY A 452 2.29 -40.99 -1.82
CA GLY A 452 1.30 -40.55 -0.86
C GLY A 452 0.60 -39.26 -1.23
N GLU A 453 0.61 -38.80 -2.45
CA GLU A 453 0.08 -37.51 -2.82
C GLU A 453 -1.43 -37.54 -3.08
N PRO A 454 -2.15 -36.48 -2.75
CA PRO A 454 -3.61 -36.44 -3.05
C PRO A 454 -3.80 -36.37 -4.58
N ILE A 455 -4.99 -36.83 -4.99
CA ILE A 455 -5.43 -36.68 -6.41
C ILE A 455 -6.68 -35.82 -6.37
N VAL A 456 -6.66 -34.74 -7.15
CA VAL A 456 -7.84 -33.90 -7.36
C VAL A 456 -8.23 -34.08 -8.81
N PHE A 457 -9.51 -34.26 -8.98
CA PHE A 457 -10.18 -34.56 -10.25
C PHE A 457 -11.15 -33.40 -10.65
N VAL A 458 -11.07 -32.88 -11.87
CA VAL A 458 -11.98 -31.89 -12.33
C VAL A 458 -12.66 -32.38 -13.62
N ALA A 459 -13.95 -32.19 -13.73
CA ALA A 459 -14.59 -32.50 -15.03
C ALA A 459 -14.05 -31.52 -16.09
N ALA B 19 17.82 33.31 -9.50
CA ALA B 19 18.62 32.69 -10.54
C ALA B 19 17.84 32.61 -11.86
N ASP B 20 18.56 32.74 -12.97
CA ASP B 20 17.93 32.73 -14.28
C ASP B 20 17.68 31.33 -14.79
N THR B 21 17.00 31.28 -15.90
CA THR B 21 16.70 30.02 -16.56
C THR B 21 17.93 29.15 -16.80
N ASN B 22 19.03 29.68 -17.33
CA ASN B 22 20.18 28.80 -17.65
C ASN B 22 20.69 28.16 -16.37
N SER B 23 20.69 28.89 -15.25
N SER B 23 20.70 28.88 -15.24
CA SER B 23 21.11 28.35 -13.97
CA SER B 23 21.18 28.32 -13.97
C SER B 23 20.27 27.13 -13.62
C SER B 23 20.27 27.19 -13.48
N TRP B 24 18.97 27.29 -13.76
CA TRP B 24 18.03 26.25 -13.32
C TRP B 24 18.11 24.99 -14.18
N LYS B 25 18.54 25.07 -15.42
CA LYS B 25 18.53 23.89 -16.32
C LYS B 25 19.36 22.74 -15.76
N SER B 26 20.34 23.04 -14.92
CA SER B 26 21.23 22.02 -14.36
C SER B 26 20.89 21.60 -12.93
N ARG B 27 19.76 22.04 -12.40
CA ARG B 27 19.32 21.78 -11.03
C ARG B 27 18.53 20.48 -10.98
N THR B 28 18.37 19.97 -9.77
CA THR B 28 17.58 18.76 -9.51
C THR B 28 16.69 19.12 -8.30
N ILE B 29 15.37 19.12 -8.49
CA ILE B 29 14.43 19.69 -7.51
C ILE B 29 13.80 18.60 -6.63
N TYR B 30 13.79 18.87 -5.33
CA TYR B 30 13.00 18.13 -4.36
C TYR B 30 11.78 18.99 -3.99
N PHE B 31 10.60 18.52 -4.26
CA PHE B 31 9.35 19.30 -4.04
C PHE B 31 8.74 18.82 -2.71
N ALA B 32 8.71 19.73 -1.74
CA ALA B 32 8.26 19.42 -0.39
C ALA B 32 7.14 20.34 0.06
N LEU B 33 6.18 19.72 0.77
CA LEU B 33 5.23 20.47 1.57
C LEU B 33 5.89 20.84 2.91
N THR B 34 6.05 22.13 3.15
CA THR B 34 6.68 22.59 4.38
C THR B 34 6.07 21.96 5.63
N ASP B 35 4.75 21.87 5.65
CA ASP B 35 4.06 21.33 6.82
C ASP B 35 4.36 19.84 7.05
N ARG B 36 4.99 19.14 6.10
CA ARG B 36 5.10 17.70 6.18
C ARG B 36 6.54 17.21 6.22
N VAL B 37 7.58 18.07 6.29
CA VAL B 37 8.97 17.58 6.34
C VAL B 37 9.47 17.32 7.72
N ALA B 38 9.55 18.33 8.57
CA ALA B 38 10.14 18.12 9.91
C ALA B 38 9.65 19.20 10.86
N ARG B 39 9.39 18.79 12.10
CA ARG B 39 8.66 19.61 13.10
C ARG B 39 9.58 20.63 13.77
N SER B 40 10.88 20.37 13.75
CA SER B 40 11.84 21.20 14.46
C SER B 40 13.24 20.80 13.99
N ALA B 41 14.24 21.59 14.33
CA ALA B 41 15.63 21.23 14.04
C ALA B 41 16.02 19.91 14.70
N SER B 42 15.40 19.56 15.79
CA SER B 42 15.76 18.31 16.53
C SER B 42 14.89 17.12 16.13
N ASP B 43 14.03 17.28 15.13
CA ASP B 43 13.12 16.18 14.71
C ASP B 43 13.96 15.11 14.03
N ASN B 44 14.08 13.96 14.68
CA ASN B 44 14.72 12.76 14.10
C ASN B 44 13.72 11.68 13.73
N GLY B 45 12.44 11.98 13.86
CA GLY B 45 11.41 10.99 13.63
C GLY B 45 10.38 10.97 14.73
N GLY B 46 9.25 10.37 14.43
CA GLY B 46 8.18 10.19 15.44
C GLY B 46 7.05 9.46 14.82
N ASP B 47 6.04 9.23 15.60
CA ASP B 47 4.79 8.75 15.08
C ASP B 47 4.30 9.84 14.06
N GLY B 48 3.69 9.31 13.08
CA GLY B 48 3.11 10.02 11.97
C GLY B 48 1.98 10.90 12.45
N CYS B 49 1.72 11.84 11.58
CA CYS B 49 0.59 12.79 11.75
C CYS B 49 -0.71 12.05 11.57
N GLY B 50 -1.63 12.22 12.51
CA GLY B 50 -2.92 11.52 12.50
C GLY B 50 -4.06 12.17 11.77
N GLN B 51 -3.89 13.40 11.35
CA GLN B 51 -4.95 14.12 10.65
C GLN B 51 -4.28 14.89 9.48
N LEU B 52 -4.23 14.26 8.32
CA LEU B 52 -3.53 14.82 7.17
C LEU B 52 -4.24 15.99 6.50
N GLN B 53 -5.49 16.29 6.88
CA GLN B 53 -6.27 17.42 6.32
C GLN B 53 -6.04 18.70 7.10
N ASP B 54 -5.26 18.67 8.17
CA ASP B 54 -5.01 19.90 8.95
C ASP B 54 -3.48 20.01 9.15
N TYR B 55 -3.01 21.10 9.74
CA TYR B 55 -1.57 21.24 10.04
C TYR B 55 -1.07 20.04 10.83
N CYS B 56 0.03 19.46 10.33
CA CYS B 56 0.76 18.42 11.06
C CYS B 56 1.98 18.93 11.83
N GLY B 57 2.46 20.12 11.54
CA GLY B 57 3.47 20.79 12.36
C GLY B 57 4.83 21.00 11.75
N GLY B 58 4.99 20.76 10.44
CA GLY B 58 6.32 21.03 9.85
C GLY B 58 6.59 22.50 9.88
N THR B 59 7.86 22.87 10.05
CA THR B 59 8.31 24.24 10.19
C THR B 59 9.51 24.56 9.25
N PHE B 60 9.75 25.86 9.05
CA PHE B 60 10.95 26.28 8.33
C PHE B 60 12.23 25.75 8.98
N LYS B 61 12.31 25.85 10.31
CA LYS B 61 13.51 25.40 11.00
C LYS B 61 13.63 23.88 10.89
N GLY B 62 12.54 23.15 10.84
CA GLY B 62 12.54 21.70 10.55
C GLY B 62 13.14 21.43 9.22
N LEU B 63 12.73 22.15 8.20
CA LEU B 63 13.23 21.90 6.82
C LEU B 63 14.73 22.29 6.76
N GLU B 64 15.08 23.38 7.43
CA GLU B 64 16.48 23.80 7.48
C GLU B 64 17.38 22.71 8.10
N GLY B 65 16.80 22.03 9.11
CA GLY B 65 17.48 20.88 9.71
C GLY B 65 17.54 19.59 8.93
N LYS B 66 16.91 19.60 7.77
CA LYS B 66 16.93 18.48 6.83
C LYS B 66 17.59 18.80 5.51
N LEU B 67 18.23 19.94 5.41
CA LEU B 67 18.98 20.29 4.18
C LEU B 67 20.01 19.24 3.87
N ASP B 68 20.76 18.73 4.87
CA ASP B 68 21.79 17.75 4.55
C ASP B 68 21.18 16.41 4.07
N TYR B 69 20.06 16.06 4.66
CA TYR B 69 19.28 14.85 4.30
C TYR B 69 18.91 14.94 2.81
N ILE B 70 18.40 16.12 2.40
CA ILE B 70 17.95 16.36 1.02
C ILE B 70 19.16 16.41 0.08
N LYS B 71 20.18 17.18 0.41
CA LYS B 71 21.36 17.27 -0.44
C LYS B 71 22.10 15.96 -0.55
N GLY B 72 21.98 15.11 0.46
CA GLY B 72 22.67 13.83 0.40
C GLY B 72 22.18 12.85 -0.66
N MET B 73 20.99 13.14 -1.21
CA MET B 73 20.42 12.39 -2.36
C MET B 73 20.77 13.09 -3.67
N GLY B 74 21.46 14.19 -3.64
CA GLY B 74 21.83 14.79 -4.94
C GLY B 74 20.90 15.90 -5.36
N PHE B 75 19.92 16.29 -4.56
CA PHE B 75 19.08 17.44 -4.83
C PHE B 75 19.92 18.69 -4.51
N ASP B 76 19.73 19.68 -5.32
CA ASP B 76 20.35 20.99 -5.08
C ASP B 76 19.38 22.15 -5.28
N ALA B 77 18.10 21.84 -5.20
CA ALA B 77 17.01 22.82 -5.20
C ALA B 77 15.84 22.21 -4.50
N ILE B 78 15.08 23.06 -3.81
CA ILE B 78 13.87 22.66 -3.09
C ILE B 78 12.76 23.58 -3.49
N TRP B 79 11.65 23.03 -3.97
CA TRP B 79 10.43 23.76 -4.19
C TRP B 79 9.57 23.58 -2.93
N ILE B 80 9.25 24.68 -2.26
CA ILE B 80 8.39 24.72 -1.07
C ILE B 80 7.04 25.28 -1.45
N THR B 81 6.03 24.79 -0.74
CA THR B 81 4.66 25.28 -0.90
C THR B 81 4.56 26.73 -0.44
N PRO B 82 3.47 27.42 -0.78
CA PRO B 82 3.45 28.87 -0.59
C PRO B 82 3.65 29.26 0.89
N VAL B 83 4.27 30.44 1.08
CA VAL B 83 4.79 30.88 2.39
C VAL B 83 3.91 31.87 3.12
N VAL B 84 2.95 32.43 2.42
CA VAL B 84 2.16 33.54 2.96
C VAL B 84 1.15 33.10 4.00
N GLN B 85 0.74 34.01 4.88
CA GLN B 85 -0.31 33.77 5.85
C GLN B 85 -1.53 33.21 5.12
N ASN B 86 -2.10 32.17 5.70
CA ASN B 86 -3.23 31.45 5.14
C ASN B 86 -4.43 31.54 6.05
N SER B 87 -5.60 31.29 5.48
CA SER B 87 -6.81 31.02 6.20
C SER B 87 -6.68 29.73 7.02
N ALA B 88 -7.62 29.55 7.94
CA ALA B 88 -7.63 28.37 8.85
C ALA B 88 -7.47 27.10 8.00
N ARG B 89 -6.68 26.18 8.49
CA ARG B 89 -6.52 24.81 7.93
C ARG B 89 -5.75 24.84 6.60
N GLY B 90 -5.15 25.96 6.23
CA GLY B 90 -4.44 26.06 4.95
C GLY B 90 -3.02 25.52 5.03
N TYR B 91 -2.88 24.26 5.43
CA TYR B 91 -1.56 23.69 5.73
C TYR B 91 -0.66 23.66 4.50
N HIS B 92 -1.27 23.59 3.33
CA HIS B 92 -0.61 23.55 2.05
C HIS B 92 -0.23 24.90 1.48
N GLY B 93 -0.70 25.99 2.12
CA GLY B 93 -0.30 27.32 1.70
C GLY B 93 -1.13 27.98 0.61
N TYR B 94 -2.07 27.25 -0.01
CA TYR B 94 -2.74 27.77 -1.22
C TYR B 94 -3.94 28.66 -0.95
N TRP B 95 -4.19 29.03 0.30
CA TRP B 95 -5.37 29.80 0.79
C TRP B 95 -4.95 31.13 1.43
N ALA B 96 -4.42 32.05 0.64
CA ALA B 96 -3.82 33.25 1.20
C ALA B 96 -4.80 34.11 1.96
N SER B 97 -4.34 34.68 3.04
CA SER B 97 -5.12 35.71 3.80
C SER B 97 -4.35 37.01 3.98
N ASN B 98 -3.01 36.99 3.89
CA ASN B 98 -2.21 38.21 3.94
C ASN B 98 -0.97 37.98 3.12
N LEU B 99 -0.87 38.59 1.93
CA LEU B 99 0.25 38.36 1.01
C LEU B 99 1.59 38.76 1.67
N TYR B 100 1.54 39.74 2.57
CA TYR B 100 2.70 40.39 3.18
C TYR B 100 2.92 39.98 4.61
N ALA B 101 2.49 38.79 4.98
CA ALA B 101 2.86 38.18 6.25
C ALA B 101 3.21 36.73 5.97
N THR B 102 4.10 36.14 6.77
N THR B 102 4.05 36.16 6.82
CA THR B 102 4.43 34.72 6.72
CA THR B 102 4.53 34.79 6.71
C THR B 102 3.35 33.92 7.39
C THR B 102 3.60 33.89 7.49
N ASN B 103 3.31 32.66 7.02
CA ASN B 103 2.49 31.68 7.74
C ASN B 103 3.19 31.36 9.07
N SER B 104 2.57 31.75 10.16
CA SER B 104 3.12 31.59 11.49
C SER B 104 3.19 30.15 11.90
N HIS B 105 2.44 29.24 11.25
CA HIS B 105 2.58 27.81 11.56
C HIS B 105 3.97 27.29 11.21
N TYR B 106 4.53 27.86 10.14
CA TYR B 106 5.89 27.42 9.73
C TYR B 106 7.00 28.15 10.44
N GLY B 107 6.78 29.40 10.76
CA GLY B 107 7.79 30.20 11.41
C GLY B 107 7.57 31.67 11.18
N THR B 108 8.50 32.47 11.67
CA THR B 108 8.51 33.92 11.46
C THR B 108 9.10 34.22 10.09
N SER B 109 8.99 35.48 9.69
CA SER B 109 9.69 36.04 8.54
C SER B 109 11.20 35.82 8.71
N ASP B 110 11.76 36.10 9.88
CA ASP B 110 13.20 35.86 10.11
C ASP B 110 13.60 34.40 9.92
N GLU B 111 12.72 33.49 10.37
CA GLU B 111 13.05 32.08 10.22
C GLU B 111 13.00 31.66 8.75
N LEU B 112 12.09 32.24 7.96
CA LEU B 112 12.08 31.98 6.50
C LEU B 112 13.40 32.45 5.89
N LYS B 113 13.79 33.69 6.22
CA LYS B 113 15.07 34.24 5.74
C LYS B 113 16.22 33.27 6.11
N GLY B 114 16.21 32.76 7.35
CA GLY B 114 17.25 31.87 7.86
C GLY B 114 17.25 30.54 7.07
N LEU B 115 16.09 30.00 6.73
CA LEU B 115 16.03 28.82 5.86
C LEU B 115 16.72 29.07 4.53
N VAL B 116 16.36 30.18 3.85
CA VAL B 116 16.92 30.44 2.53
C VAL B 116 18.42 30.64 2.66
N ASN B 117 18.86 31.43 3.67
CA ASN B 117 20.29 31.71 3.78
C ASN B 117 21.08 30.41 4.06
N ALA B 118 20.49 29.51 4.88
CA ALA B 118 21.15 28.23 5.18
C ALA B 118 21.26 27.38 3.92
N ALA B 119 20.19 27.37 3.12
CA ALA B 119 20.19 26.67 1.84
C ALA B 119 21.28 27.19 0.95
N HIS B 120 21.36 28.49 0.83
CA HIS B 120 22.42 29.12 0.01
C HIS B 120 23.81 28.75 0.49
N GLY B 121 24.01 28.70 1.77
CA GLY B 121 25.32 28.31 2.33
C GLY B 121 25.71 26.89 1.91
N LYS B 122 24.74 26.05 1.67
CA LYS B 122 24.91 24.66 1.20
C LYS B 122 24.85 24.50 -0.35
N GLY B 123 24.76 25.59 -1.10
CA GLY B 123 24.63 25.54 -2.53
C GLY B 123 23.31 25.08 -3.04
N ILE B 124 22.26 25.22 -2.24
CA ILE B 124 20.91 24.76 -2.60
C ILE B 124 20.05 25.95 -2.96
N TYR B 125 19.33 25.90 -4.06
CA TYR B 125 18.30 26.90 -4.43
C TYR B 125 16.99 26.65 -3.68
N ILE B 126 16.23 27.70 -3.40
CA ILE B 126 14.86 27.60 -2.93
C ILE B 126 13.93 28.23 -3.95
N MET B 127 12.98 27.41 -4.42
CA MET B 127 11.92 27.85 -5.33
C MET B 127 10.65 27.99 -4.43
N VAL B 128 9.99 29.12 -4.56
CA VAL B 128 8.78 29.40 -3.81
C VAL B 128 7.53 29.25 -4.71
N ASP B 129 6.56 28.55 -4.20
CA ASP B 129 5.25 28.39 -4.85
C ASP B 129 4.39 29.64 -4.56
N VAL B 130 3.75 30.18 -5.58
CA VAL B 130 2.94 31.40 -5.42
C VAL B 130 1.61 31.24 -6.12
N VAL B 131 0.61 31.90 -5.54
CA VAL B 131 -0.77 31.96 -6.09
C VAL B 131 -1.14 33.40 -6.41
N ALA B 132 -1.57 33.66 -7.65
CA ALA B 132 -2.17 34.95 -8.04
C ALA B 132 -3.66 34.78 -8.41
N ASN B 133 -4.14 33.59 -8.64
CA ASN B 133 -5.50 33.38 -9.14
C ASN B 133 -6.57 33.66 -8.11
N HIS B 134 -6.30 33.29 -6.84
CA HIS B 134 -7.32 33.24 -5.83
C HIS B 134 -6.73 33.50 -4.48
N VAL B 135 -7.61 33.77 -3.54
CA VAL B 135 -7.29 33.91 -2.13
C VAL B 135 -7.96 32.79 -1.33
N GLY B 136 -7.74 32.80 -0.02
CA GLY B 136 -8.31 31.82 0.89
C GLY B 136 -9.77 32.00 1.25
N ASN B 137 -10.17 31.25 2.26
CA ASN B 137 -11.59 31.10 2.62
C ASN B 137 -11.95 31.77 3.93
N GLY B 138 -11.11 32.69 4.37
CA GLY B 138 -11.47 33.58 5.47
C GLY B 138 -12.37 34.69 4.98
N PRO B 139 -12.90 35.54 5.90
CA PRO B 139 -13.82 36.60 5.50
C PRO B 139 -13.12 37.58 4.57
N LEU B 140 -13.80 37.98 3.53
CA LEU B 140 -13.32 38.98 2.57
C LEU B 140 -12.80 40.20 3.32
N ASN B 141 -13.58 40.73 4.24
CA ASN B 141 -13.16 42.04 4.80
CA ASN B 141 -13.27 41.99 5.01
C ASN B 141 -11.89 41.94 5.66
N GLU B 142 -11.40 40.74 5.95
CA GLU B 142 -10.16 40.53 6.69
C GLU B 142 -8.97 40.29 5.80
N MET B 143 -9.18 40.14 4.52
CA MET B 143 -8.03 39.93 3.60
C MET B 143 -7.11 41.10 3.59
N GLN B 144 -5.82 40.84 3.41
CA GLN B 144 -4.80 41.90 3.34
C GLN B 144 -3.78 41.60 2.28
N PRO B 145 -3.21 42.65 1.65
CA PRO B 145 -3.50 44.06 1.88
C PRO B 145 -4.74 44.49 1.09
N ALA B 146 -5.23 45.67 1.44
CA ALA B 146 -6.11 46.37 0.50
C ALA B 146 -5.42 46.46 -0.86
N PRO B 147 -6.11 46.25 -1.96
CA PRO B 147 -7.59 46.16 -2.05
C PRO B 147 -8.16 44.74 -2.02
N LEU B 148 -7.48 43.78 -1.45
CA LEU B 148 -7.99 42.40 -1.42
C LEU B 148 -9.17 42.25 -0.44
N ASN B 149 -9.44 43.25 0.38
CA ASN B 149 -10.59 43.31 1.26
C ASN B 149 -11.82 43.99 0.61
N GLN B 150 -11.78 44.25 -0.68
N GLN B 150 -11.77 44.24 -0.69
CA GLN B 150 -12.93 44.82 -1.41
CA GLN B 150 -12.87 44.82 -1.46
C GLN B 150 -13.54 43.73 -2.30
C GLN B 150 -13.53 43.72 -2.30
N GLY B 151 -14.87 43.57 -2.26
CA GLY B 151 -15.54 42.60 -3.09
C GLY B 151 -15.32 42.81 -4.58
N SER B 152 -15.11 44.06 -4.99
CA SER B 152 -14.90 44.40 -6.40
C SER B 152 -13.54 43.91 -6.96
N SER B 153 -12.66 43.42 -6.08
CA SER B 153 -11.39 42.84 -6.51
C SER B 153 -11.51 41.48 -7.09
N TYR B 154 -12.72 40.90 -7.03
CA TYR B 154 -13.01 39.51 -7.36
C TYR B 154 -14.10 39.42 -8.41
N HIS B 155 -13.98 38.32 -9.19
CA HIS B 155 -15.08 37.95 -10.08
C HIS B 155 -16.27 37.51 -9.21
N PRO B 156 -17.50 37.66 -9.69
CA PRO B 156 -18.64 37.08 -9.02
C PRO B 156 -18.51 35.54 -8.93
N ALA B 157 -18.92 34.98 -7.82
CA ALA B 157 -18.78 33.58 -7.55
C ALA B 157 -19.52 32.77 -8.64
N CYS B 158 -18.85 31.68 -9.02
CA CYS B 158 -19.42 30.65 -9.89
C CYS B 158 -18.51 29.42 -9.83
N GLY B 159 -18.98 28.28 -10.22
CA GLY B 159 -18.21 27.06 -10.31
C GLY B 159 -17.67 26.88 -11.73
N ILE B 160 -16.53 26.25 -11.80
CA ILE B 160 -15.84 26.05 -13.07
C ILE B 160 -16.51 24.94 -13.86
N ASN B 161 -16.80 25.23 -15.11
CA ASN B 161 -17.14 24.24 -16.19
C ASN B 161 -15.82 24.00 -16.97
N TYR B 162 -15.20 22.86 -16.75
CA TYR B 162 -13.92 22.54 -17.40
C TYR B 162 -14.04 22.32 -18.89
N ASN B 163 -15.26 22.27 -19.46
CA ASN B 163 -15.40 22.29 -20.90
C ASN B 163 -15.22 23.69 -21.49
N ASP B 164 -15.11 24.75 -20.69
CA ASP B 164 -15.14 26.13 -21.22
C ASP B 164 -14.00 26.96 -20.63
N GLN B 165 -13.11 27.42 -21.50
CA GLN B 165 -11.91 28.18 -21.04
C GLN B 165 -12.32 29.44 -20.33
N HIS B 166 -13.34 30.15 -20.75
CA HIS B 166 -13.77 31.39 -20.07
C HIS B 166 -14.18 31.05 -18.63
N SER B 167 -14.90 29.98 -18.43
CA SER B 167 -15.27 29.53 -17.06
C SER B 167 -14.02 29.17 -16.26
N ILE B 168 -13.08 28.47 -16.90
CA ILE B 168 -11.83 28.09 -16.22
C ILE B 168 -11.16 29.37 -15.67
N GLU B 169 -11.21 30.43 -16.48
CA GLU B 169 -10.54 31.68 -16.08
C GLU B 169 -11.31 32.55 -15.08
N THR B 170 -12.63 32.50 -15.09
CA THR B 170 -13.44 33.50 -14.36
C THR B 170 -14.22 32.92 -13.19
N CYS B 171 -14.28 31.60 -13.07
CA CYS B 171 -14.97 30.90 -11.99
C CYS B 171 -14.00 30.36 -10.95
N ARG B 172 -14.50 29.92 -9.81
CA ARG B 172 -13.67 29.60 -8.64
C ARG B 172 -13.07 28.21 -8.74
N VAL B 173 -11.79 28.07 -8.40
N VAL B 173 -11.80 28.04 -8.38
CA VAL B 173 -11.12 26.75 -8.43
CA VAL B 173 -11.19 26.67 -8.41
C VAL B 173 -11.72 25.81 -7.37
C VAL B 173 -11.77 25.74 -7.34
N ALA B 174 -12.20 26.36 -6.26
CA ALA B 174 -13.05 25.69 -5.28
C ALA B 174 -14.06 26.71 -4.79
N SER B 175 -15.19 26.20 -4.33
N SER B 175 -15.19 26.23 -4.32
CA SER B 175 -16.39 27.03 -4.05
CA SER B 175 -16.34 27.12 -4.09
C SER B 175 -16.15 28.17 -3.07
C SER B 175 -16.08 28.25 -3.12
N ASP B 176 -15.18 28.01 -2.19
CA ASP B 176 -14.86 28.96 -1.11
C ASP B 176 -13.61 29.79 -1.36
N LEU B 177 -13.03 29.76 -2.57
CA LEU B 177 -11.79 30.46 -2.89
C LEU B 177 -12.06 31.58 -3.92
N PRO B 178 -12.29 32.83 -3.41
CA PRO B 178 -12.62 33.91 -4.33
C PRO B 178 -11.55 34.07 -5.41
N ASP B 179 -12.03 34.31 -6.65
CA ASP B 179 -11.25 34.38 -7.85
C ASP B 179 -10.94 35.84 -8.19
N LEU B 180 -9.67 36.21 -8.19
CA LEU B 180 -9.25 37.58 -8.43
C LEU B 180 -9.66 38.04 -9.83
N ASP B 181 -10.04 39.33 -9.92
CA ASP B 181 -10.31 39.99 -11.21
C ASP B 181 -8.95 40.37 -11.78
N THR B 182 -8.26 39.38 -12.32
CA THR B 182 -6.88 39.60 -12.78
C THR B 182 -6.77 40.50 -14.00
N THR B 183 -7.84 40.77 -14.75
CA THR B 183 -7.79 41.77 -15.82
C THR B 183 -7.79 43.20 -15.29
N ASP B 184 -8.09 43.42 -14.02
CA ASP B 184 -8.08 44.77 -13.41
C ASP B 184 -6.64 45.26 -13.30
N PRO B 185 -6.31 46.41 -13.92
CA PRO B 185 -4.95 46.93 -13.83
C PRO B 185 -4.46 47.02 -12.37
N LYS B 186 -5.30 47.38 -11.40
N LYS B 186 -5.34 47.37 -11.42
CA LYS B 186 -4.77 47.55 -10.04
CA LYS B 186 -4.96 47.56 -10.02
C LYS B 186 -4.48 46.19 -9.38
C LYS B 186 -4.55 46.22 -9.37
N ILE B 187 -5.18 45.13 -9.80
CA ILE B 187 -4.83 43.76 -9.31
C ILE B 187 -3.50 43.32 -9.98
N ARG B 188 -3.31 43.66 -11.24
CA ARG B 188 -2.00 43.33 -11.87
C ARG B 188 -0.87 44.05 -11.15
N THR B 189 -0.98 45.32 -10.82
CA THR B 189 0.08 46.02 -10.16
C THR B 189 0.26 45.45 -8.75
N LEU B 190 -0.83 45.17 -8.05
CA LEU B 190 -0.74 44.63 -6.69
C LEU B 190 0.21 43.41 -6.71
N TYR B 191 -0.07 42.46 -7.63
CA TYR B 191 0.67 41.19 -7.63
C TYR B 191 2.08 41.36 -8.15
N LYS B 192 2.33 42.27 -9.13
CA LYS B 192 3.70 42.49 -9.61
C LYS B 192 4.52 43.07 -8.48
N ASP B 193 3.99 44.08 -7.78
CA ASP B 193 4.75 44.66 -6.69
C ASP B 193 5.04 43.65 -5.57
N TRP B 194 4.06 42.81 -5.31
CA TRP B 194 4.20 41.77 -4.26
C TRP B 194 5.27 40.76 -4.64
N ILE B 195 5.24 40.19 -5.84
CA ILE B 195 6.25 39.17 -6.16
C ILE B 195 7.64 39.78 -6.15
N LYS B 196 7.79 41.05 -6.60
CA LYS B 196 9.10 41.69 -6.51
C LYS B 196 9.54 41.76 -5.06
N TRP B 197 8.66 42.20 -4.16
CA TRP B 197 8.93 42.25 -2.74
C TRP B 197 9.31 40.90 -2.17
N LEU B 198 8.54 39.89 -2.50
CA LEU B 198 8.78 38.58 -1.90
C LEU B 198 10.21 38.11 -2.29
N MET B 199 10.57 38.25 -3.54
CA MET B 199 11.87 37.80 -4.00
C MET B 199 13.01 38.62 -3.40
N SER B 200 12.89 39.96 -3.35
N SER B 200 12.86 39.95 -3.31
CA SER B 200 13.95 40.79 -2.76
CA SER B 200 13.93 40.81 -2.78
C SER B 200 14.09 40.48 -1.27
C SER B 200 14.06 40.65 -1.27
N THR B 201 12.99 40.30 -0.60
CA THR B 201 12.99 40.16 0.86
C THR B 201 13.61 38.84 1.29
N TYR B 202 13.18 37.77 0.67
CA TYR B 202 13.53 36.40 1.13
C TYR B 202 14.61 35.76 0.27
N LYS B 203 14.95 36.32 -0.87
CA LYS B 203 16.10 35.91 -1.72
C LYS B 203 15.87 34.53 -2.34
N PHE B 204 14.61 34.19 -2.58
CA PHE B 204 14.31 32.96 -3.33
C PHE B 204 15.00 32.98 -4.68
N ASP B 205 15.31 31.79 -5.18
CA ASP B 205 16.02 31.65 -6.46
C ASP B 205 15.12 31.39 -7.67
N GLY B 206 13.90 31.01 -7.42
CA GLY B 206 12.97 30.69 -8.50
C GLY B 206 11.53 30.68 -7.95
N VAL B 207 10.59 30.55 -8.88
CA VAL B 207 9.14 30.63 -8.55
C VAL B 207 8.41 29.48 -9.27
N ARG B 208 7.55 28.79 -8.56
CA ARG B 208 6.56 27.91 -9.20
C ARG B 208 5.23 28.63 -9.12
N ILE B 209 4.61 28.84 -10.30
CA ILE B 209 3.35 29.59 -10.37
C ILE B 209 2.18 28.62 -10.44
N ASP B 210 1.33 28.71 -9.42
CA ASP B 210 0.12 27.89 -9.35
C ASP B 210 -0.91 28.32 -10.41
N THR B 211 -1.81 27.41 -10.73
CA THR B 211 -3.11 27.79 -11.33
C THR B 211 -2.96 28.63 -12.60
N VAL B 212 -1.98 28.38 -13.46
CA VAL B 212 -1.66 29.25 -14.58
C VAL B 212 -2.85 29.32 -15.56
N LYS B 213 -3.46 28.18 -15.82
CA LYS B 213 -4.56 28.11 -16.80
C LYS B 213 -5.80 28.86 -16.36
N HIS B 214 -5.89 29.26 -15.09
CA HIS B 214 -7.04 29.89 -14.52
C HIS B 214 -6.96 31.44 -14.56
N VAL B 215 -5.94 31.96 -15.18
CA VAL B 215 -5.74 33.41 -15.33
C VAL B 215 -5.47 33.68 -16.81
N GLU B 216 -6.05 34.75 -17.35
CA GLU B 216 -5.82 35.14 -18.72
C GLU B 216 -4.31 35.26 -19.03
N LYS B 217 -3.92 34.89 -20.24
CA LYS B 217 -2.51 34.70 -20.58
C LYS B 217 -1.79 36.02 -20.43
N ASP B 218 -2.40 37.15 -20.75
CA ASP B 218 -1.67 38.43 -20.72
C ASP B 218 -1.32 38.96 -19.34
N PHE B 219 -1.79 38.33 -18.28
CA PHE B 219 -1.39 38.67 -16.91
C PHE B 219 0.07 38.22 -16.71
N TRP B 220 0.42 37.09 -17.29
CA TRP B 220 1.59 36.34 -16.81
C TRP B 220 2.94 36.98 -17.13
N PRO B 221 3.19 37.47 -18.38
CA PRO B 221 4.59 37.87 -18.66
C PRO B 221 5.12 38.92 -17.69
N ASP B 222 4.32 39.93 -17.36
CA ASP B 222 4.77 41.00 -16.48
C ASP B 222 4.94 40.51 -15.06
N PHE B 223 4.09 39.60 -14.65
CA PHE B 223 4.22 38.97 -13.32
C PHE B 223 5.52 38.16 -13.24
N ALA B 224 5.78 37.34 -14.23
CA ALA B 224 7.01 36.53 -14.31
C ALA B 224 8.23 37.46 -14.34
N TRP B 225 8.20 38.52 -15.12
CA TRP B 225 9.34 39.45 -15.21
C TRP B 225 9.59 40.08 -13.83
N ALA B 226 8.52 40.46 -13.12
CA ALA B 226 8.64 41.14 -11.82
C ALA B 226 9.37 40.24 -10.83
N SER B 227 9.26 38.93 -10.95
CA SER B 227 9.92 38.07 -9.98
C SER B 227 11.43 38.13 -10.10
N GLY B 228 11.96 38.49 -11.26
CA GLY B 228 13.42 38.58 -11.44
C GLY B 228 14.13 37.26 -11.54
N SER B 229 13.43 36.11 -11.51
N SER B 229 13.38 36.16 -11.67
CA SER B 229 14.09 34.80 -11.60
CA SER B 229 13.94 34.80 -11.62
C SER B 229 13.29 33.87 -12.48
C SER B 229 13.34 33.91 -12.69
N TYR B 230 13.88 32.72 -12.73
CA TYR B 230 13.18 31.64 -13.42
C TYR B 230 11.81 31.42 -12.79
N THR B 231 10.81 31.19 -13.63
CA THR B 231 9.44 30.85 -13.27
C THR B 231 9.02 29.57 -14.02
N ILE B 232 8.41 28.68 -13.28
CA ILE B 232 7.84 27.44 -13.86
C ILE B 232 6.37 27.41 -13.51
N GLY B 233 5.51 27.27 -14.53
CA GLY B 233 4.09 27.33 -14.32
C GLY B 233 3.41 25.96 -14.32
N GLU B 234 2.33 25.93 -13.53
CA GLU B 234 1.43 24.78 -13.46
C GLU B 234 0.23 24.95 -14.38
N VAL B 235 0.27 24.22 -15.51
CA VAL B 235 -0.89 24.09 -16.42
C VAL B 235 -1.30 22.63 -16.39
N PHE B 236 -2.34 22.34 -15.61
CA PHE B 236 -2.75 20.95 -15.39
C PHE B 236 -3.58 20.51 -16.59
N SER B 237 -2.92 19.90 -17.57
CA SER B 237 -3.52 19.39 -18.77
C SER B 237 -2.58 18.44 -19.44
N GLY B 238 -3.14 17.37 -20.01
CA GLY B 238 -2.38 16.42 -20.80
C GLY B 238 -2.27 16.80 -22.24
N ASP B 239 -2.92 17.88 -22.67
CA ASP B 239 -2.96 18.30 -24.08
C ASP B 239 -1.73 19.16 -24.34
N PRO B 240 -0.78 18.67 -25.17
CA PRO B 240 0.44 19.45 -25.39
C PRO B 240 0.24 20.79 -26.08
N ASN B 241 -0.72 20.83 -26.97
CA ASN B 241 -1.01 22.10 -27.67
C ASN B 241 -1.51 23.15 -26.70
N TYR B 242 -2.40 22.71 -25.84
CA TYR B 242 -2.97 23.63 -24.82
C TYR B 242 -1.90 24.10 -23.86
N VAL B 243 -1.10 23.18 -23.36
CA VAL B 243 0.00 23.52 -22.43
C VAL B 243 0.98 24.48 -23.13
N ALA B 244 1.37 24.12 -24.35
CA ALA B 244 2.36 24.94 -25.07
C ALA B 244 1.86 26.36 -25.30
N GLY B 245 0.56 26.59 -25.32
CA GLY B 245 0.00 27.92 -25.42
C GLY B 245 0.42 28.86 -24.33
N TYR B 246 0.89 28.35 -23.21
CA TYR B 246 1.39 29.15 -22.07
C TYR B 246 2.90 29.26 -22.03
N SER B 247 3.60 28.60 -22.97
CA SER B 247 5.05 28.38 -22.83
C SER B 247 5.88 29.63 -23.12
N LYS B 248 5.37 30.60 -23.84
CA LYS B 248 6.09 31.86 -24.07
C LYS B 248 5.90 32.85 -22.94
N LEU B 249 5.10 32.52 -21.92
CA LEU B 249 4.74 33.53 -20.91
C LEU B 249 5.63 33.52 -19.70
N MET B 250 6.48 32.52 -19.55
CA MET B 250 7.28 32.29 -18.34
C MET B 250 8.42 31.34 -18.69
N GLY B 251 9.29 31.10 -17.74
CA GLY B 251 10.55 30.41 -18.00
C GLY B 251 10.38 28.98 -18.46
N GLY B 252 9.46 28.27 -17.89
CA GLY B 252 9.15 26.88 -18.19
C GLY B 252 7.78 26.54 -17.68
N LEU B 253 7.42 25.31 -17.91
CA LEU B 253 6.13 24.70 -17.48
C LEU B 253 6.37 23.34 -16.89
N LEU B 254 5.56 22.94 -15.94
CA LEU B 254 5.53 21.56 -15.49
C LEU B 254 5.13 20.64 -16.63
N ASN B 255 5.80 19.52 -16.81
CA ASN B 255 5.52 18.67 -17.99
C ASN B 255 4.35 17.72 -17.69
N TYR B 256 3.17 18.29 -17.51
CA TYR B 256 1.93 17.51 -17.43
C TYR B 256 1.71 16.67 -18.68
N PRO B 257 2.04 17.17 -19.89
CA PRO B 257 1.81 16.30 -21.05
C PRO B 257 2.52 14.95 -20.96
N VAL B 258 3.77 14.98 -20.55
CA VAL B 258 4.55 13.72 -20.44
C VAL B 258 4.13 12.89 -19.24
N TYR B 259 3.66 13.53 -18.17
CA TYR B 259 3.21 12.81 -16.94
C TYR B 259 2.28 11.63 -17.31
N PHE B 260 1.30 11.85 -18.18
CA PHE B 260 0.30 10.83 -18.47
C PHE B 260 0.89 9.58 -19.12
N PRO B 261 1.55 9.69 -20.30
CA PRO B 261 2.05 8.47 -20.91
C PRO B 261 3.28 7.88 -20.16
N LEU B 262 3.98 8.71 -19.40
CA LEU B 262 5.06 8.25 -18.53
C LEU B 262 4.50 7.20 -17.57
N ASN B 263 3.44 7.57 -16.89
CA ASN B 263 2.77 6.67 -15.95
C ASN B 263 2.18 5.47 -16.69
N ARG B 264 1.55 5.67 -17.84
N ARG B 264 1.56 5.65 -17.85
CA ARG B 264 0.99 4.51 -18.59
CA ARG B 264 0.99 4.46 -18.52
C ARG B 264 2.07 3.47 -18.87
C ARG B 264 2.05 3.46 -18.98
N PHE B 265 3.24 3.91 -19.32
CA PHE B 265 4.28 2.96 -19.70
C PHE B 265 4.76 2.21 -18.42
N TYR B 266 5.21 2.94 -17.42
CA TYR B 266 5.85 2.33 -16.26
C TYR B 266 4.86 1.62 -15.33
N GLN B 267 3.53 1.87 -15.50
CA GLN B 267 2.51 1.06 -14.85
C GLN B 267 1.98 -0.10 -15.65
N GLN B 268 2.69 -0.42 -16.73
CA GLN B 268 2.38 -1.63 -17.52
C GLN B 268 1.04 -1.57 -18.24
N GLN B 269 0.61 -0.35 -18.55
CA GLN B 269 -0.68 -0.11 -19.23
C GLN B 269 -0.52 0.05 -20.76
N ASN B 270 0.60 0.60 -21.17
CA ASN B 270 0.81 0.88 -22.59
C ASN B 270 2.32 0.82 -22.89
N SER B 271 2.61 0.79 -24.16
CA SER B 271 3.94 0.87 -24.73
C SER B 271 4.67 2.15 -24.36
N SER B 272 6.02 2.15 -24.54
CA SER B 272 6.79 3.38 -24.44
C SER B 272 6.60 4.32 -25.61
N GLN B 273 6.01 3.86 -26.72
CA GLN B 273 5.90 4.70 -27.91
C GLN B 273 5.16 5.99 -27.58
N ALA B 274 4.07 5.93 -26.79
CA ALA B 274 3.33 7.19 -26.52
C ALA B 274 4.10 8.14 -25.64
N LEU B 275 4.93 7.61 -24.76
CA LEU B 275 5.82 8.46 -23.92
C LEU B 275 6.81 9.20 -24.82
N VAL B 276 7.45 8.43 -25.71
CA VAL B 276 8.43 9.00 -26.65
C VAL B 276 7.76 10.07 -27.55
N ASP B 277 6.61 9.69 -28.09
CA ASP B 277 5.91 10.61 -28.97
C ASP B 277 5.52 11.92 -28.26
N MET B 278 5.09 11.82 -27.02
CA MET B 278 4.69 13.00 -26.27
C MET B 278 5.91 13.83 -25.86
N HIS B 279 6.96 13.16 -25.42
CA HIS B 279 8.26 13.81 -25.16
C HIS B 279 8.63 14.69 -26.34
N ASN B 280 8.61 14.08 -27.53
CA ASN B 280 8.94 14.80 -28.72
C ASN B 280 7.98 15.97 -28.99
N GLN B 281 6.71 15.70 -28.86
CA GLN B 281 5.69 16.68 -29.26
C GLN B 281 5.74 17.92 -28.36
N ILE B 282 5.68 17.76 -27.06
CA ILE B 282 5.70 18.94 -26.19
CA ILE B 282 5.70 18.92 -26.16
C ILE B 282 7.05 19.66 -26.35
N GLY B 283 8.15 18.91 -26.45
CA GLY B 283 9.42 19.56 -26.59
C GLY B 283 9.50 20.41 -27.82
N SER B 284 8.81 20.02 -28.89
CA SER B 284 8.80 20.72 -30.16
C SER B 284 7.98 22.01 -30.14
N LEU B 285 7.09 22.11 -29.19
CA LEU B 285 6.09 23.21 -29.14
C LEU B 285 6.45 24.35 -28.21
N VAL B 286 7.46 24.21 -27.41
CA VAL B 286 7.89 25.23 -26.41
C VAL B 286 9.13 25.92 -26.87
N PRO B 287 9.45 27.07 -26.25
CA PRO B 287 10.65 27.78 -26.67
C PRO B 287 11.93 27.03 -26.37
N ASP B 288 11.92 26.25 -25.30
CA ASP B 288 13.16 25.58 -24.84
C ASP B 288 12.77 24.35 -24.02
N PRO B 289 12.84 23.10 -24.59
CA PRO B 289 12.38 21.93 -23.83
C PRO B 289 13.18 21.66 -22.57
N THR B 290 14.39 22.21 -22.47
CA THR B 290 15.23 21.94 -21.30
C THR B 290 14.78 22.72 -20.06
N THR B 291 13.77 23.56 -20.18
CA THR B 291 13.23 24.30 -19.05
C THR B 291 11.90 23.75 -18.53
N LEU B 292 11.41 22.68 -19.12
N LEU B 292 11.47 22.63 -19.09
CA LEU B 292 10.22 21.96 -18.64
CA LEU B 292 10.29 21.88 -18.61
C LEU B 292 10.59 21.10 -17.44
C LEU B 292 10.63 21.07 -17.38
N GLY B 293 9.64 21.00 -16.48
CA GLY B 293 9.82 20.24 -15.24
C GLY B 293 9.29 18.85 -15.34
N THR B 294 10.12 17.85 -15.20
CA THR B 294 9.73 16.43 -15.42
C THR B 294 9.33 15.88 -14.06
N PHE B 295 8.16 15.22 -13.97
CA PHE B 295 7.72 14.62 -12.73
C PHE B 295 6.88 13.40 -13.02
N LEU B 296 6.89 12.50 -12.01
CA LEU B 296 6.13 11.25 -12.03
C LEU B 296 4.87 11.30 -11.19
N ASP B 297 4.92 12.01 -10.08
CA ASP B 297 3.78 12.17 -9.16
C ASP B 297 3.97 13.49 -8.44
N ASN B 298 2.98 13.87 -7.65
CA ASN B 298 2.95 15.15 -6.95
C ASN B 298 1.81 15.14 -5.93
N HIS B 299 1.55 16.30 -5.34
CA HIS B 299 0.59 16.46 -4.26
C HIS B 299 -0.87 16.50 -4.68
N ASP B 300 -1.08 16.50 -6.00
CA ASP B 300 -2.42 16.57 -6.59
C ASP B 300 -2.86 15.31 -7.28
N ASN B 301 -2.12 14.28 -7.19
CA ASN B 301 -2.43 13.01 -7.82
C ASN B 301 -1.99 11.91 -6.89
N PRO B 302 -2.58 10.72 -6.99
CA PRO B 302 -2.11 9.60 -6.19
C PRO B 302 -0.60 9.36 -6.42
N ARG B 303 0.12 8.96 -5.39
CA ARG B 303 1.53 8.61 -5.59
C ARG B 303 1.64 7.41 -6.51
N PHE B 304 2.78 7.28 -7.18
CA PHE B 304 2.99 6.13 -8.08
C PHE B 304 2.72 4.83 -7.38
N LEU B 305 3.27 4.61 -6.20
CA LEU B 305 3.12 3.31 -5.54
C LEU B 305 1.70 3.03 -5.05
N SER B 306 0.86 4.03 -4.93
CA SER B 306 -0.59 3.78 -4.67
CA SER B 306 -0.59 3.84 -4.70
C SER B 306 -1.24 3.17 -5.90
N GLN B 307 -0.76 3.56 -7.08
CA GLN B 307 -1.32 3.08 -8.37
C GLN B 307 -0.77 1.72 -8.80
N LYS B 308 0.53 1.57 -8.57
CA LYS B 308 1.25 0.36 -9.00
C LYS B 308 2.31 0.08 -7.96
N ASN B 309 2.04 -0.89 -7.10
CA ASN B 309 2.89 -1.17 -5.95
C ASN B 309 4.01 -2.08 -6.38
N ASP B 310 5.03 -1.48 -6.94
CA ASP B 310 6.19 -2.21 -7.45
C ASP B 310 7.36 -1.21 -7.45
N VAL B 311 8.23 -1.38 -6.49
CA VAL B 311 9.37 -0.50 -6.31
C VAL B 311 10.30 -0.57 -7.55
N SER B 312 10.41 -1.73 -8.18
CA SER B 312 11.23 -1.82 -9.40
C SER B 312 10.68 -0.92 -10.51
N LEU B 313 9.37 -0.97 -10.74
CA LEU B 313 8.75 -0.08 -11.75
C LEU B 313 8.96 1.38 -11.39
N PHE B 314 8.79 1.69 -10.09
CA PHE B 314 8.99 3.05 -9.58
C PHE B 314 10.41 3.53 -9.92
N LYS B 315 11.40 2.69 -9.67
CA LYS B 315 12.81 3.04 -9.99
C LYS B 315 12.97 3.26 -11.49
N ASN B 316 12.37 2.43 -12.32
CA ASN B 316 12.42 2.69 -13.79
C ASN B 316 11.88 4.04 -14.16
N ALA B 317 10.68 4.36 -13.63
CA ALA B 317 10.02 5.62 -13.98
C ALA B 317 10.87 6.80 -13.48
N LEU B 318 11.45 6.66 -12.28
CA LEU B 318 12.27 7.75 -11.71
C LEU B 318 13.59 7.89 -12.46
N THR B 319 14.06 6.84 -13.11
CA THR B 319 15.24 7.00 -13.97
C THR B 319 14.92 7.93 -15.14
N TYR B 320 13.73 7.81 -15.70
CA TYR B 320 13.29 8.82 -16.68
C TYR B 320 13.22 10.20 -16.06
N VAL B 321 12.58 10.34 -14.90
CA VAL B 321 12.50 11.67 -14.28
C VAL B 321 13.89 12.31 -14.14
N LEU B 322 14.83 11.51 -13.65
CA LEU B 322 16.14 12.06 -13.28
C LEU B 322 17.09 12.19 -14.48
N LEU B 323 16.99 11.33 -15.49
CA LEU B 323 17.99 11.30 -16.56
C LEU B 323 17.42 11.72 -17.91
N ALA B 324 16.14 12.00 -18.03
CA ALA B 324 15.59 12.54 -19.28
C ALA B 324 15.85 14.04 -19.35
N ARG B 325 15.77 14.55 -20.58
CA ARG B 325 15.76 15.96 -20.85
C ARG B 325 14.75 16.65 -19.93
N GLY B 326 15.10 17.83 -19.45
CA GLY B 326 14.32 18.62 -18.53
C GLY B 326 14.91 18.72 -17.17
N ILE B 327 14.17 19.38 -16.31
CA ILE B 327 14.58 19.59 -14.91
C ILE B 327 13.82 18.60 -14.04
N PRO B 328 14.50 17.67 -13.37
CA PRO B 328 13.78 16.65 -12.60
C PRO B 328 13.13 17.30 -11.36
N ILE B 329 11.92 16.85 -11.07
CA ILE B 329 11.21 17.30 -9.86
C ILE B 329 10.67 16.05 -9.14
N VAL B 330 11.26 15.71 -8.02
CA VAL B 330 10.94 14.48 -7.25
C VAL B 330 10.09 14.97 -6.07
N TYR B 331 9.00 14.28 -5.86
CA TYR B 331 8.04 14.60 -4.79
C TYR B 331 8.53 14.02 -3.46
N TYR B 332 8.61 14.85 -2.44
CA TYR B 332 9.14 14.41 -1.13
C TYR B 332 8.40 13.13 -0.70
N GLY B 333 9.14 12.28 -0.02
CA GLY B 333 8.65 10.98 0.39
C GLY B 333 8.83 9.88 -0.63
N SER B 334 9.10 10.22 -1.87
CA SER B 334 9.49 9.19 -2.84
C SER B 334 10.65 8.37 -2.33
N GLU B 335 11.57 8.99 -1.63
CA GLU B 335 12.80 8.39 -1.12
C GLU B 335 12.54 7.43 0.08
N GLN B 336 11.29 7.39 0.56
CA GLN B 336 10.87 6.45 1.62
C GLN B 336 9.72 5.56 1.08
N ALA B 337 9.58 5.46 -0.24
CA ALA B 337 8.60 4.58 -0.90
C ALA B 337 7.20 4.87 -0.36
N TYR B 338 6.85 6.17 -0.24
CA TYR B 338 5.48 6.49 0.15
C TYR B 338 4.50 6.08 -0.93
N ALA B 339 3.29 5.74 -0.51
CA ALA B 339 2.25 5.07 -1.32
C ALA B 339 0.86 5.60 -1.07
N GLY B 340 0.74 6.83 -0.61
CA GLY B 340 -0.58 7.37 -0.38
C GLY B 340 -1.30 7.73 -1.67
N GLY B 341 -2.61 7.61 -1.61
CA GLY B 341 -3.52 7.84 -2.69
C GLY B 341 -3.95 9.32 -2.77
N GLY B 342 -5.15 9.59 -3.15
CA GLY B 342 -5.53 10.97 -3.44
C GLY B 342 -5.44 11.88 -2.21
N ASP B 343 -5.22 13.16 -2.47
CA ASP B 343 -5.18 14.26 -1.48
C ASP B 343 -6.27 14.04 -0.45
N PRO B 344 -5.94 14.01 0.86
CA PRO B 344 -4.64 14.34 1.47
C PRO B 344 -3.71 13.18 1.77
N GLN B 345 -4.09 11.98 1.31
CA GLN B 345 -3.37 10.73 1.68
CA GLN B 345 -3.33 10.77 1.76
C GLN B 345 -1.97 10.68 1.04
N ASN B 346 -1.75 11.49 0.04
CA ASN B 346 -0.47 11.63 -0.65
C ASN B 346 0.40 12.74 -0.06
N ARG B 347 -0.02 13.30 1.09
CA ARG B 347 0.68 14.34 1.79
C ARG B 347 1.10 13.85 3.20
N GLU B 348 1.62 12.61 3.20
CA GLU B 348 2.08 12.04 4.44
C GLU B 348 3.24 12.89 5.06
N ASP B 349 3.30 12.91 6.38
CA ASP B 349 4.49 13.51 7.01
C ASP B 349 5.72 12.67 6.69
N LEU B 350 6.90 13.28 6.77
CA LEU B 350 8.18 12.57 6.54
C LEU B 350 8.72 11.99 7.85
N TRP B 351 8.35 12.56 9.02
CA TRP B 351 8.99 12.13 10.27
C TRP B 351 8.62 10.69 10.63
N ARG B 352 7.46 10.15 10.17
CA ARG B 352 7.14 8.73 10.41
C ARG B 352 8.27 7.84 9.89
N SER B 353 9.02 8.28 8.85
CA SER B 353 10.07 7.40 8.26
C SER B 353 11.37 7.47 9.06
N ARG B 354 11.46 8.36 10.01
CA ARG B 354 12.70 8.61 10.77
C ARG B 354 13.84 9.05 9.83
N PHE B 355 13.51 9.63 8.66
CA PHE B 355 14.51 10.27 7.81
C PHE B 355 15.60 9.23 7.48
N ASN B 356 15.19 8.01 7.12
CA ASN B 356 16.11 6.86 6.94
C ASN B 356 17.01 7.06 5.72
N THR B 357 18.31 7.31 5.91
CA THR B 357 19.25 7.49 4.82
C THR B 357 19.76 6.18 4.27
N ASN B 358 19.29 5.09 4.80
N ASN B 358 19.35 5.07 4.87
CA ASN B 358 19.69 3.75 4.35
CA ASN B 358 19.66 3.70 4.41
C ASN B 358 18.50 3.03 3.71
C ASN B 358 18.50 3.04 3.69
N SER B 359 17.38 3.73 3.42
CA SER B 359 16.28 3.08 2.70
C SER B 359 16.72 2.74 1.27
N ASP B 360 16.10 1.75 0.68
CA ASP B 360 16.38 1.36 -0.70
C ASP B 360 16.25 2.58 -1.58
N MET B 361 15.14 3.28 -1.50
CA MET B 361 14.89 4.44 -2.39
C MET B 361 15.85 5.60 -2.11
N TYR B 362 16.24 5.83 -0.87
CA TYR B 362 17.20 6.94 -0.58
C TYR B 362 18.51 6.64 -1.32
N LYS B 363 18.97 5.41 -1.22
N LYS B 363 18.99 5.41 -1.22
CA LYS B 363 20.25 5.05 -1.84
CA LYS B 363 20.29 5.04 -1.82
C LYS B 363 20.14 5.08 -3.38
C LYS B 363 20.15 5.03 -3.35
N PHE B 364 18.97 4.70 -3.91
CA PHE B 364 18.74 4.83 -5.37
C PHE B 364 18.87 6.26 -5.81
N PHE B 365 18.18 7.19 -5.10
CA PHE B 365 18.32 8.61 -5.46
C PHE B 365 19.78 9.06 -5.35
N GLN B 366 20.45 8.65 -4.30
CA GLN B 366 21.85 9.11 -4.13
C GLN B 366 22.65 8.66 -5.36
N ALA B 367 22.44 7.43 -5.86
CA ALA B 367 23.24 6.90 -7.01
C ALA B 367 22.91 7.76 -8.28
N LEU B 368 21.64 8.03 -8.54
CA LEU B 368 21.31 8.88 -9.72
C LEU B 368 21.75 10.32 -9.53
N GLY B 369 21.68 10.81 -8.30
CA GLY B 369 22.17 12.18 -8.08
C GLY B 369 23.69 12.24 -8.38
N GLY B 370 24.45 11.19 -8.06
CA GLY B 370 25.87 11.19 -8.38
C GLY B 370 26.10 11.19 -9.87
N VAL B 371 25.26 10.52 -10.66
CA VAL B 371 25.36 10.56 -12.12
C VAL B 371 25.11 11.98 -12.63
N ARG B 372 24.07 12.62 -12.11
CA ARG B 372 23.76 13.97 -12.60
C ARG B 372 24.95 14.91 -12.24
N LYS B 373 25.43 14.86 -10.98
N LYS B 373 25.43 14.86 -11.00
CA LYS B 373 26.48 15.80 -10.53
CA LYS B 373 26.48 15.80 -10.56
C LYS B 373 27.75 15.61 -11.37
C LYS B 373 27.74 15.60 -11.40
N SER B 374 28.09 14.36 -11.68
CA SER B 374 29.32 14.05 -12.43
C SER B 374 29.23 14.40 -13.91
N HIS B 375 28.01 14.76 -14.35
CA HIS B 375 27.72 15.16 -15.74
C HIS B 375 27.14 16.54 -15.81
N GLY B 376 27.45 17.39 -14.82
CA GLY B 376 27.12 18.78 -14.92
C GLY B 376 25.64 19.11 -14.83
N GLY B 377 24.82 18.20 -14.31
CA GLY B 377 23.39 18.43 -14.16
C GLY B 377 22.61 18.24 -15.46
N LEU B 378 23.25 17.68 -16.51
CA LEU B 378 22.50 17.30 -17.73
C LEU B 378 21.56 18.40 -18.26
N PRO B 379 22.08 19.63 -18.55
CA PRO B 379 21.22 20.73 -18.96
C PRO B 379 20.84 20.78 -20.42
N GLY B 380 21.42 19.93 -21.25
CA GLY B 380 21.30 20.01 -22.69
C GLY B 380 20.03 19.46 -23.31
N ASN B 381 19.79 19.90 -24.56
CA ASN B 381 18.73 19.35 -25.42
C ASN B 381 19.35 18.23 -26.26
N ASP B 382 19.69 17.15 -25.57
CA ASP B 382 20.64 16.15 -26.07
C ASP B 382 20.18 14.72 -25.69
N HIS B 383 18.88 14.49 -25.68
CA HIS B 383 18.25 13.20 -25.26
C HIS B 383 17.96 12.41 -26.52
N VAL B 384 18.70 11.37 -26.74
CA VAL B 384 18.61 10.51 -27.94
C VAL B 384 17.85 9.24 -27.65
N HIS B 385 16.73 9.01 -28.29
CA HIS B 385 15.94 7.78 -28.12
C HIS B 385 16.69 6.65 -28.84
N LEU B 386 16.99 5.59 -28.10
CA LEU B 386 17.75 4.48 -28.66
C LEU B 386 16.91 3.23 -28.96
N PHE B 387 15.95 2.98 -28.11
CA PHE B 387 15.24 1.68 -28.12
C PHE B 387 13.87 2.00 -27.56
N VAL B 388 12.85 1.79 -28.36
CA VAL B 388 11.48 2.24 -28.04
C VAL B 388 10.52 1.09 -28.35
N GLU B 389 10.18 0.31 -27.31
CA GLU B 389 9.42 -0.91 -27.44
C GLU B 389 8.26 -1.01 -26.44
N SER B 390 7.40 -1.99 -26.63
CA SER B 390 6.26 -2.31 -25.75
C SER B 390 6.68 -2.30 -24.30
N ASP B 391 7.82 -2.93 -24.05
CA ASP B 391 8.21 -3.25 -22.66
C ASP B 391 9.56 -2.64 -22.25
N ALA B 392 10.17 -1.84 -23.09
CA ALA B 392 11.51 -1.31 -22.79
C ALA B 392 11.68 0.04 -23.46
N TYR B 393 12.52 0.84 -22.82
CA TYR B 393 12.84 2.18 -23.33
C TYR B 393 14.24 2.48 -22.95
N ALA B 394 15.15 2.73 -23.92
CA ALA B 394 16.51 3.17 -23.62
C ALA B 394 16.79 4.47 -24.35
N TRP B 395 17.59 5.31 -23.70
CA TRP B 395 18.01 6.61 -24.25
C TRP B 395 19.37 6.98 -23.76
N SER B 396 19.97 7.95 -24.39
CA SER B 396 21.26 8.51 -23.97
C SER B 396 21.23 10.00 -23.88
N ARG B 397 22.22 10.50 -23.15
CA ARG B 397 22.50 11.93 -22.99
C ARG B 397 23.98 12.21 -23.30
N GLN B 398 24.30 13.44 -23.64
CA GLN B 398 25.70 13.90 -23.76
C GLN B 398 26.52 13.02 -24.70
N ASP B 399 25.98 12.80 -25.86
CA ASP B 399 26.70 12.11 -26.95
C ASP B 399 27.17 10.70 -26.47
N GLY B 400 26.26 10.00 -25.81
CA GLY B 400 26.47 8.66 -25.37
C GLY B 400 27.16 8.52 -24.04
N ALA B 401 27.50 9.60 -23.36
CA ALA B 401 28.24 9.52 -22.08
C ALA B 401 27.36 8.90 -21.01
N VAL B 402 26.07 9.13 -21.00
CA VAL B 402 25.12 8.59 -20.00
C VAL B 402 24.06 7.87 -20.80
N MET B 403 23.74 6.64 -20.42
CA MET B 403 22.66 5.89 -21.08
C MET B 403 21.85 5.19 -20.03
N ALA B 404 20.58 5.02 -20.35
CA ALA B 404 19.67 4.31 -19.43
C ALA B 404 18.86 3.28 -20.25
N LEU B 405 18.79 2.07 -19.69
CA LEU B 405 17.84 1.04 -20.14
C LEU B 405 16.81 0.85 -19.06
N THR B 406 15.57 1.13 -19.42
CA THR B 406 14.41 0.95 -18.52
C THR B 406 13.46 -0.06 -19.16
N SER B 407 12.59 -0.56 -18.32
CA SER B 407 11.58 -1.53 -18.76
C SER B 407 10.40 -1.49 -17.83
N ASN B 408 9.34 -2.14 -18.28
CA ASN B 408 8.13 -2.27 -17.46
C ASN B 408 7.79 -3.75 -17.15
N ILE B 409 8.80 -4.60 -17.21
CA ILE B 409 8.57 -6.04 -16.93
C ILE B 409 8.23 -6.31 -15.48
N GLY B 410 8.68 -5.46 -14.57
CA GLY B 410 8.30 -5.53 -13.15
C GLY B 410 9.21 -6.35 -12.27
N LYS B 411 8.90 -6.22 -10.97
CA LYS B 411 9.69 -6.85 -9.93
C LYS B 411 9.76 -8.37 -10.21
N GLY B 412 10.91 -8.91 -9.83
CA GLY B 412 11.13 -10.34 -9.88
C GLY B 412 11.45 -10.94 -11.26
N GLN B 413 11.59 -10.08 -12.26
CA GLN B 413 11.80 -10.51 -13.64
C GLN B 413 13.21 -10.24 -14.13
N GLN B 414 13.78 -11.25 -14.77
CA GLN B 414 15.08 -11.16 -15.42
C GLN B 414 14.91 -11.30 -16.90
N ARG B 415 15.58 -10.47 -17.69
CA ARG B 415 15.51 -10.54 -19.16
C ARG B 415 16.65 -9.76 -19.77
N GLN B 416 17.24 -10.29 -20.83
CA GLN B 416 18.28 -9.58 -21.59
C GLN B 416 17.61 -8.79 -22.70
N PHE B 417 18.02 -7.54 -22.83
CA PHE B 417 17.62 -6.67 -23.94
C PHE B 417 18.85 -6.31 -24.76
N CYS B 418 18.72 -6.34 -26.07
CA CYS B 418 19.81 -6.04 -27.00
C CYS B 418 19.35 -4.85 -27.88
N PHE B 419 20.15 -3.79 -27.89
CA PHE B 419 19.73 -2.55 -28.54
C PHE B 419 20.91 -1.82 -29.13
N PHE B 420 20.60 -0.90 -30.03
CA PHE B 420 21.65 -0.11 -30.76
C PHE B 420 21.90 1.16 -30.00
N THR B 421 23.16 1.30 -29.53
CA THR B 421 23.58 2.46 -28.71
C THR B 421 23.93 3.65 -29.57
N GLN B 422 24.16 3.46 -30.87
CA GLN B 422 24.64 4.50 -31.79
C GLN B 422 26.10 4.88 -31.53
N LYS B 423 26.79 4.12 -30.70
CA LYS B 423 28.22 4.37 -30.38
C LYS B 423 28.97 3.07 -30.67
N ASN B 424 29.84 3.06 -31.63
CA ASN B 424 30.53 1.83 -32.04
C ASN B 424 31.75 1.61 -31.12
N ASN B 425 31.93 0.38 -30.69
CA ASN B 425 33.12 -0.04 -29.91
C ASN B 425 33.35 0.88 -28.70
N LYS B 426 32.29 1.11 -27.95
CA LYS B 426 32.32 2.06 -26.76
C LYS B 426 32.18 1.23 -25.50
N THR B 427 32.85 1.64 -24.44
N THR B 427 32.78 1.76 -24.44
CA THR B 427 32.68 0.93 -23.16
CA THR B 427 32.75 1.08 -23.14
C THR B 427 32.06 1.88 -22.13
C THR B 427 32.08 1.94 -22.06
N TRP B 428 31.20 1.30 -21.28
CA TRP B 428 30.54 1.94 -20.13
C TRP B 428 30.68 1.00 -18.95
N ARG B 429 30.42 1.53 -17.74
CA ARG B 429 30.17 0.72 -16.57
C ARG B 429 28.76 0.95 -16.08
N GLY B 430 28.22 -0.07 -15.43
CA GLY B 430 26.89 0.01 -14.84
C GLY B 430 26.99 0.66 -13.44
N ILE B 431 26.22 1.68 -13.17
CA ILE B 431 26.16 2.34 -11.86
C ILE B 431 25.72 1.38 -10.78
N PHE B 432 24.70 0.56 -11.08
CA PHE B 432 24.13 -0.34 -10.10
C PHE B 432 24.87 -1.63 -10.00
N ASP B 433 25.27 -2.23 -11.12
CA ASP B 433 25.78 -3.64 -11.13
C ASP B 433 27.34 -3.62 -11.15
N GLY B 434 28.05 -2.48 -11.44
CA GLY B 434 29.53 -2.48 -11.53
C GLY B 434 30.03 -3.17 -12.78
N LYS B 435 29.16 -3.68 -13.67
CA LYS B 435 29.60 -4.49 -14.83
C LYS B 435 30.19 -3.56 -15.89
N THR B 436 31.10 -4.09 -16.68
CA THR B 436 31.69 -3.40 -17.85
C THR B 436 30.91 -3.85 -19.09
N TYR B 437 30.42 -2.89 -19.81
CA TYR B 437 29.62 -3.05 -21.04
C TYR B 437 30.38 -2.52 -22.24
N THR B 438 30.44 -3.27 -23.31
CA THR B 438 31.19 -2.83 -24.51
C THR B 438 30.27 -3.09 -25.71
N SER B 439 29.94 -2.04 -26.45
CA SER B 439 29.19 -2.15 -27.71
C SER B 439 30.08 -2.77 -28.80
N GLY B 440 29.42 -3.37 -29.75
CA GLY B 440 30.09 -3.94 -30.90
C GLY B 440 30.43 -2.90 -31.97
N GLY B 441 30.89 -3.42 -33.11
CA GLY B 441 31.29 -2.65 -34.28
C GLY B 441 30.17 -1.81 -34.84
N ASP B 442 28.92 -2.26 -34.67
CA ASP B 442 27.71 -1.66 -35.20
C ASP B 442 26.95 -0.93 -34.07
N GLY B 443 27.55 -0.84 -32.87
CA GLY B 443 26.96 -0.17 -31.73
C GLY B 443 25.99 -0.98 -30.91
N LYS B 444 25.79 -2.27 -31.27
CA LYS B 444 24.83 -3.09 -30.52
C LYS B 444 25.38 -3.44 -29.16
N LEU B 445 24.52 -3.42 -28.18
CA LEU B 445 24.90 -3.82 -26.78
C LEU B 445 23.76 -4.67 -26.22
N CYS B 446 24.10 -5.66 -25.46
CA CYS B 446 23.13 -6.44 -24.70
C CYS B 446 23.36 -6.14 -23.19
N ALA B 447 22.29 -6.13 -22.46
CA ALA B 447 22.33 -5.97 -20.99
C ALA B 447 21.20 -6.75 -20.36
N THR B 448 21.43 -7.27 -19.18
CA THR B 448 20.47 -8.10 -18.47
C THR B 448 19.88 -7.37 -17.28
N VAL B 449 18.60 -7.14 -17.38
CA VAL B 449 17.76 -6.61 -16.32
C VAL B 449 17.54 -7.73 -15.33
N ASN B 450 17.70 -7.41 -14.06
N ASN B 450 17.69 -7.40 -14.06
CA ASN B 450 17.41 -8.33 -12.93
CA ASN B 450 17.42 -8.35 -12.95
C ASN B 450 16.42 -7.65 -11.97
C ASN B 450 16.47 -7.68 -11.93
N ASN B 451 15.52 -8.45 -11.42
CA ASN B 451 14.46 -7.94 -10.52
C ASN B 451 13.78 -6.74 -11.18
N GLY B 452 13.67 -6.70 -12.50
CA GLY B 452 12.94 -5.60 -13.15
C GLY B 452 13.65 -4.28 -13.00
N GLU B 453 14.87 -4.16 -12.52
CA GLU B 453 15.48 -2.87 -12.17
C GLU B 453 16.07 -2.16 -13.39
N PRO B 454 16.08 -0.80 -13.41
CA PRO B 454 16.73 -0.08 -14.50
C PRO B 454 18.26 -0.29 -14.46
N ILE B 455 18.85 -0.06 -15.66
CA ILE B 455 20.34 -0.11 -15.79
C ILE B 455 20.75 1.28 -16.27
N VAL B 456 21.65 1.89 -15.53
CA VAL B 456 22.25 3.17 -15.93
C VAL B 456 23.73 2.90 -16.23
N PHE B 457 24.17 3.45 -17.38
CA PHE B 457 25.50 3.22 -17.91
C PHE B 457 26.23 4.57 -18.00
N VAL B 458 27.49 4.59 -17.55
N VAL B 458 27.46 4.61 -17.51
CA VAL B 458 28.33 5.80 -17.59
CA VAL B 458 28.32 5.80 -17.66
C VAL B 458 29.69 5.44 -18.17
C VAL B 458 29.62 5.39 -18.31
N ALA B 459 30.26 6.39 -18.86
CA ALA B 459 31.56 6.19 -19.56
C ALA B 459 32.69 6.98 -18.86
N GLN B 460 32.67 6.94 -17.49
CA GLN B 460 33.68 7.46 -16.56
C GLN B 460 33.51 6.73 -15.24
C2 BGC C . -10.34 -29.23 23.94
C3 BGC C . -10.04 -27.74 23.96
C4 BGC C . -8.69 -27.51 24.71
C5 BGC C . -7.66 -28.25 23.93
C6 BGC C . -6.30 -28.01 24.43
C1 BGC C . -9.14 -29.95 23.24
O1 BGC C . -9.29 -31.31 23.33
O2 BGC C . -11.57 -29.45 23.29
O3 BGC C . -11.14 -27.10 24.62
O4 BGC C . -8.54 -26.08 24.60
O5 BGC C . -7.94 -29.64 23.97
O6 BGC C . -6.26 -28.35 25.84
C1 GLC C . -8.16 -25.44 25.85
C2 GLC C . -9.23 -24.48 26.25
C3 GLC C . -9.23 -23.25 25.37
C4 GLC C . -7.83 -22.64 25.36
C5 GLC C . -6.86 -23.68 24.84
C6 GLC C . -5.50 -23.14 24.76
O2 GLC C . -10.51 -25.11 26.33
O3 GLC C . -10.18 -22.32 25.83
O4 GLC C . -7.86 -21.48 24.48
O5 GLC C . -6.91 -24.80 25.69
O6 GLC C . -5.09 -22.87 26.04
C1 AC1 C . -7.63 -20.18 25.06
O2 AC1 C . -10.00 -19.83 24.86
C2 AC1 C . -8.74 -19.25 24.67
C4A AC1 C . -4.58 -14.67 21.76
C3 AC1 C . -8.57 -18.81 23.20
O3 AC1 C . -9.52 -17.80 22.96
C4 AC1 C . -7.13 -18.32 22.94
N4A AC1 C . -6.97 -17.82 21.55
C5 AC1 C . -6.17 -19.44 23.31
O5 AC1 C . -6.35 -19.77 24.72
C6 AC1 C . -4.75 -19.08 23.16
C1B AC1 C . -7.12 -16.28 21.20
C2B AC1 C . -6.13 -15.75 20.13
O2B AC1 C . -6.37 -16.49 18.92
C3B AC1 C . -4.75 -15.76 20.72
O3B AC1 C . -3.73 -15.63 19.73
O4 AC1 C . -3.30 -14.88 22.42
C5B AC1 C . -5.75 -14.70 22.67
C7B AC1 C . -6.82 -15.47 22.47
C6B AC1 C . -5.74 -13.65 23.71
O6B AC1 C . -6.31 -12.48 22.91
C1 GLC C . -2.41 -13.78 22.60
C2 GLC C . -1.11 -14.03 21.88
C3 GLC C . -0.33 -15.09 22.55
C4 GLC C . -0.10 -14.76 24.05
C5 GLC C . -1.52 -14.60 24.63
C6 GLC C . -1.54 -14.26 26.12
O2 GLC C . -1.39 -14.31 20.49
O3 GLC C . 0.93 -15.12 21.81
O4 GLC C . 0.57 -15.85 24.65
O5 GLC C . -2.18 -13.51 23.97
O6 GLC C . -0.77 -13.01 26.35
C1 AC1 C . 2.01 -15.94 24.48
O2 AC1 C . 1.66 -18.30 24.23
C2 AC1 C . 2.45 -17.31 24.85
C4A AC1 C . 4.31 -16.79 32.15
C3 AC1 C . 2.37 -17.46 26.36
O3 AC1 C . 2.83 -18.75 26.69
C4 AC1 C . 3.14 -16.32 27.00
N4A AC1 C . 3.12 -16.49 28.49
C5 AC1 C . 2.61 -14.97 26.57
O5 AC1 C . 2.74 -14.86 25.13
C6 AC1 C . 3.37 -13.80 27.16
C1B AC1 C . 4.35 -16.20 29.26
C2B AC1 C . 4.89 -17.47 29.85
O2B AC1 C . 4.93 -18.52 28.87
C3B AC1 C . 4.05 -17.83 31.06
O3B AC1 C . 4.36 -19.14 31.53
O4 AC1 C . 3.43 -16.98 33.24
C5B AC1 C . 4.12 -15.40 31.60
C7B AC1 C . 4.14 -15.14 30.32
C6B AC1 C . 3.89 -14.29 32.60
O6B AC1 C . 3.36 -13.14 31.96
C1 GLC D . -20.73 -42.15 7.95
C2 GLC D . -20.86 -41.32 6.76
C3 GLC D . -20.95 -42.21 5.47
C4 GLC D . -19.77 -43.08 5.36
C5 GLC D . -19.63 -43.98 6.61
C6 GLC D . -18.42 -44.89 6.49
O1 GLC D . -21.88 -42.97 7.98
O2 GLC D . -22.01 -40.61 6.96
O3 GLC D . -21.06 -41.37 4.34
O4 GLC D . -19.87 -43.94 4.13
O5 GLC D . -19.59 -42.97 7.66
O6 GLC D . -18.31 -45.71 7.68
C1 GLC D . -18.93 -43.66 3.10
C2 GLC D . -19.59 -43.71 1.74
C3 GLC D . -19.98 -45.12 1.40
C4 GLC D . -18.73 -46.07 1.45
C5 GLC D . -18.15 -45.91 2.87
C6 GLC D . -16.85 -46.70 3.00
O2 GLC D . -20.71 -42.90 2.00
O3 GLC D . -20.54 -45.07 0.16
O4 GLC D . -19.06 -47.46 1.19
O5 GLC D . -17.78 -44.57 3.16
O6 GLC D . -15.96 -46.28 1.91
C2 BGC E . -6.63 15.88 -18.72
C3 BGC E . -6.53 16.94 -17.59
C4 BGC E . -7.49 16.65 -16.50
C5 BGC E . -7.15 15.29 -15.90
C6 BGC E . -8.17 14.93 -14.78
C1 BGC E . -6.37 14.51 -18.05
O1 BGC E . -6.57 13.48 -18.94
O2 BGC E . -5.70 16.29 -19.71
O3 BGC E . -6.86 18.20 -18.08
O4 BGC E . -7.31 17.60 -15.39
O5 BGC E . -7.25 14.28 -16.91
O6 BGC E . -9.58 14.95 -15.31
C1 GLC E . -8.50 18.15 -14.78
C2 GLC E . -8.55 19.64 -15.09
C3 GLC E . -7.49 20.34 -14.33
C4 GLC E . -7.68 20.04 -12.83
C5 GLC E . -7.56 18.58 -12.62
C6 GLC E . -7.81 18.22 -11.18
O2 GLC E . -8.36 19.88 -16.49
O3 GLC E . -7.60 21.75 -14.53
O4 GLC E . -6.72 20.80 -12.06
O5 GLC E . -8.57 17.93 -13.37
O6 GLC E . -9.11 18.58 -10.82
C1 AC1 E . -7.21 21.78 -11.28
C1 AC1 E . -7.30 22.27 -10.83
O2 AC1 E . -6.37 23.40 -12.77
O2 AC1 E . -6.26 23.33 -12.72
C2 AC1 E . -6.38 23.01 -11.42
C2 AC1 E . -6.37 23.35 -11.31
C4A AC1 E . -3.91 23.59 -5.06
C4A AC1 E . -4.02 23.71 -5.02
C3 AC1 E . -4.95 22.89 -10.89
C3 AC1 E . -4.99 23.26 -10.67
O3 AC1 E . -4.35 24.23 -11.11
O3 AC1 E . -4.29 24.48 -10.79
C4 AC1 E . -5.00 22.38 -9.43
C4 AC1 E . -5.06 23.01 -9.16
N4A AC1 E . -3.59 22.32 -8.89
N4A AC1 E . -3.68 22.95 -8.66
C5 AC1 E . -5.76 21.05 -9.43
C5 AC1 E . -5.87 21.73 -9.01
O5 AC1 E . -7.11 21.26 -9.90
O5 AC1 E . -7.19 22.06 -9.40
C6 AC1 E . -5.87 20.33 -8.08
C6 AC1 E . -6.01 21.07 -7.65
C1B AC1 E . -3.00 23.52 -7.99
C1B AC1 E . -3.06 24.01 -7.80
C2B AC1 E . -2.16 23.18 -6.73
C2B AC1 E . -2.20 23.41 -6.66
O2B AC1 E . -1.06 22.46 -7.23
O2B AC1 E . -1.19 22.54 -7.20
C3B AC1 E . -3.07 22.51 -5.71
C3B AC1 E . -3.13 22.70 -5.73
O3B AC1 E . -2.40 21.83 -4.74
O3B AC1 E . -2.42 21.90 -4.79
O4 AC1 E . -4.96 22.98 -4.22
O4 AC1 E . -4.98 22.96 -4.24
C5B AC1 E . -4.47 24.44 -6.14
C5B AC1 E . -4.72 24.64 -5.99
C7B AC1 E . -4.17 24.30 -7.43
C7B AC1 E . -4.20 24.84 -7.20
C6B AC1 E . -5.32 25.62 -5.64
C6B AC1 E . -6.03 25.31 -5.57
O6B AC1 E . -4.38 26.58 -5.19
O6B AC1 E . -5.97 26.05 -4.35
C1 GLC E . -5.17 23.39 -2.88
C2 GLC E . -4.87 22.28 -1.93
C3 GLC E . -5.90 21.16 -1.97
C4 GLC E . -7.30 21.73 -1.71
C5 GLC E . -7.48 22.84 -2.85
C6 GLC E . -8.86 23.55 -2.83
O2 GLC E . -3.52 21.80 -2.18
O3 GLC E . -5.55 20.22 -0.95
O4 GLC E . -8.27 20.77 -2.00
O5 GLC E . -6.53 23.84 -2.69
O6 GLC E . -9.04 24.18 -1.45
C1 AC1 E . -8.54 19.80 -1.02
O2 AC1 E . -8.95 18.27 -2.83
C2 AC1 E . -9.44 18.73 -1.57
C4A AC1 E . -15.62 22.51 -1.95
C3 AC1 E . -10.81 19.38 -1.69
O3 AC1 E . -11.72 18.52 -2.30
C4 AC1 E . -11.25 19.92 -0.32
N4A AC1 E . -12.62 20.51 -0.43
C5 AC1 E . -10.24 20.94 0.23
O5 AC1 E . -8.97 20.27 0.26
C6 AC1 E . -10.41 21.31 1.74
C1B AC1 E . -12.86 21.95 -0.87
C2B AC1 E . -13.97 22.69 -0.08
O2B AC1 E . -13.90 22.54 1.33
C3B AC1 E . -15.33 22.20 -0.48
O3B AC1 E . -16.23 22.85 0.34
O4 AC1 E . -16.83 21.76 -2.34
C5B AC1 E . -14.39 22.25 -2.82
C7B AC1 E . -13.10 22.10 -2.34
C6B AC1 E . -14.76 22.23 -4.28
O6B AC1 E . -15.55 23.42 -4.63
C1 GLC F . 9.96 8.06 -32.28
C2 GLC F . 11.44 8.43 -31.93
C3 GLC F . 12.44 7.50 -32.70
C4 GLC F . 12.05 6.02 -32.45
C5 GLC F . 10.64 5.71 -32.89
C6 GLC F . 10.22 4.24 -32.57
O1 GLC F . 9.75 8.46 -33.61
O2 GLC F . 11.74 9.82 -32.09
O3 GLC F . 13.77 7.85 -32.22
O4 GLC F . 13.07 5.18 -32.94
O5 GLC F . 9.79 6.66 -32.11
O6 GLC F . 8.97 3.88 -33.19
C1 GLC F . 14.10 4.61 -31.95
C2 GLC F . 15.48 4.59 -32.53
C3 GLC F . 15.70 3.55 -33.66
C4 GLC F . 15.22 2.20 -33.02
C5 GLC F . 13.79 2.33 -32.52
C6 GLC F . 13.02 1.02 -32.04
O2 GLC F . 15.69 5.95 -32.95
O3 GLC F . 17.03 3.50 -34.10
O4 GLC F . 15.28 1.23 -34.04
O5 GLC F . 13.67 3.33 -31.46
O6 GLC F . 13.46 0.52 -30.89
CA CA G . -14.50 -12.34 30.01
CA CA H . -9.20 33.11 -12.40
NA NA I . -16.64 24.17 -24.55
#